data_6JIZ
#
_entry.id   6JIZ
#
_cell.length_a   106.659
_cell.length_b   106.659
_cell.length_c   168.557
_cell.angle_alpha   90.00
_cell.angle_beta   90.00
_cell.angle_gamma   120.00
#
_symmetry.space_group_name_H-M   'P 31 1 2'
#
loop_
_entity.id
_entity.type
_entity.pdbx_description
1 polymer '6-phosphogluconate dehydrogenase NAD-binding protein'
2 non-polymer 'ACETATE ION'
3 non-polymer 'CHLORIDE ION'
4 non-polymer 'AMMONIUM ION'
5 non-polymer 'SODIUM ION'
6 non-polymer 3-ethylheptane
7 non-polymer 'NADP NICOTINAMIDE-ADENINE-DINUCLEOTIDE PHOSPHATE'
8 non-polymer 1,2-ETHANEDIOL
9 water water
#
_entity_poly.entity_id   1
_entity_poly.type   'polypeptide(L)'
_entity_poly.pdbx_seq_one_letter_code
;MNSKKSPVTLIGLGPMGQAMVRTLLGQGHPVTVWNRTPSRAEPLVVEGARLAASPTEAVASSDLVILSLTDYQAMYDILS
TAESALAGRTIVNLSSDDPDVTREAAKWAAKHGATFIAGGVMTPAPTVGTEAAYVFYSGPKSAFDAHEPVLRHIGGPRFL
GEDTGLAQLYYLAHLDVFLTTLASVVHATALVSAAGVDEAAFAPEAIRMVIETGQMLAAEAETGLELGRNLASGNHPGEL
ATAVMMGATADHIVSAAKGSGVDLVLPEAVKSLYDRTVAAGHGKDSWTAMYEIIKKKAA
;
_entity_poly.pdbx_strand_id   A,B,C
#
# COMPACT_ATOMS: atom_id res chain seq x y z
N LYS A 5 0.46 -19.10 -24.33
CA LYS A 5 0.73 -20.46 -23.92
C LYS A 5 0.17 -20.79 -22.52
N SER A 6 -0.03 -19.79 -21.67
CA SER A 6 -0.43 -20.14 -20.31
C SER A 6 -1.91 -20.46 -20.26
N PRO A 7 -2.31 -21.44 -19.45
CA PRO A 7 -3.71 -21.84 -19.39
C PRO A 7 -4.57 -20.77 -18.75
N VAL A 8 -5.83 -20.70 -19.20
CA VAL A 8 -6.78 -19.74 -18.66
CA VAL A 8 -6.79 -19.72 -18.72
C VAL A 8 -8.11 -20.43 -18.42
N THR A 9 -8.80 -20.01 -17.36
CA THR A 9 -10.15 -20.46 -17.07
C THR A 9 -11.09 -19.29 -17.34
N LEU A 10 -12.19 -19.57 -18.02
CA LEU A 10 -13.19 -18.54 -18.27
C LEU A 10 -14.57 -19.07 -17.89
N ILE A 11 -15.27 -18.32 -17.05
CA ILE A 11 -16.58 -18.69 -16.56
C ILE A 11 -17.56 -17.61 -17.01
N GLY A 12 -18.67 -18.02 -17.63
CA GLY A 12 -19.64 -17.10 -18.19
C GLY A 12 -19.58 -17.08 -19.70
N LEU A 13 -20.42 -17.86 -20.35
CA LEU A 13 -20.28 -18.09 -21.79
C LEU A 13 -21.38 -17.40 -22.59
N GLY A 14 -21.75 -16.19 -22.16
CA GLY A 14 -22.50 -15.30 -23.01
C GLY A 14 -21.67 -14.83 -24.20
N PRO A 15 -22.20 -13.90 -24.98
CA PRO A 15 -21.50 -13.46 -26.20
C PRO A 15 -20.08 -12.96 -25.96
N MET A 16 -19.85 -12.17 -24.91
CA MET A 16 -18.49 -11.71 -24.65
C MET A 16 -17.59 -12.88 -24.29
N GLY A 17 -18.05 -13.75 -23.38
CA GLY A 17 -17.23 -14.89 -22.98
C GLY A 17 -16.91 -15.81 -24.14
N GLN A 18 -17.89 -16.05 -25.02
CA GLN A 18 -17.63 -16.90 -26.18
CA GLN A 18 -17.65 -16.89 -26.19
C GLN A 18 -16.58 -16.29 -27.09
N ALA A 19 -16.66 -14.98 -27.34
CA ALA A 19 -15.66 -14.34 -28.20
C ALA A 19 -14.27 -14.40 -27.57
N MET A 20 -14.19 -14.23 -26.25
CA MET A 20 -12.88 -14.29 -25.60
C MET A 20 -12.31 -15.70 -25.66
N VAL A 21 -13.14 -16.71 -25.47
CA VAL A 21 -12.64 -18.09 -25.52
C VAL A 21 -12.15 -18.42 -26.93
N ARG A 22 -12.94 -18.07 -27.95
CA ARG A 22 -12.53 -18.29 -29.34
CA ARG A 22 -12.52 -18.31 -29.33
C ARG A 22 -11.18 -17.61 -29.62
N THR A 23 -11.05 -16.34 -29.21
CA THR A 23 -9.80 -15.62 -29.45
C THR A 23 -8.63 -16.26 -28.73
N LEU A 24 -8.80 -16.55 -27.44
CA LEU A 24 -7.69 -17.11 -26.67
C LEU A 24 -7.28 -18.49 -27.18
N LEU A 25 -8.26 -19.32 -27.53
CA LEU A 25 -7.95 -20.62 -28.15
C LEU A 25 -7.14 -20.44 -29.42
N GLY A 26 -7.54 -19.48 -30.26
CA GLY A 26 -6.84 -19.22 -31.51
C GLY A 26 -5.41 -18.77 -31.31
N GLN A 27 -5.09 -18.17 -30.17
CA GLN A 27 -3.73 -17.76 -29.86
C GLN A 27 -2.93 -18.86 -29.15
N GLY A 28 -3.50 -20.04 -29.00
CA GLY A 28 -2.77 -21.17 -28.45
C GLY A 28 -2.86 -21.35 -26.96
N HIS A 29 -3.72 -20.59 -26.28
CA HIS A 29 -3.91 -20.80 -24.85
C HIS A 29 -4.82 -22.01 -24.62
N PRO A 30 -4.44 -22.93 -23.75
CA PRO A 30 -5.43 -23.90 -23.25
C PRO A 30 -6.47 -23.16 -22.43
N VAL A 31 -7.75 -23.42 -22.72
CA VAL A 31 -8.84 -22.69 -22.08
C VAL A 31 -9.79 -23.71 -21.47
N THR A 32 -10.02 -23.58 -20.16
CA THR A 32 -11.01 -24.38 -19.45
C THR A 32 -12.23 -23.50 -19.20
N VAL A 33 -13.43 -24.03 -19.46
CA VAL A 33 -14.64 -23.24 -19.31
C VAL A 33 -15.60 -23.89 -18.34
N TRP A 34 -16.49 -23.07 -17.80
CA TRP A 34 -17.63 -23.56 -17.04
C TRP A 34 -18.77 -22.57 -17.20
N ASN A 35 -20.01 -23.09 -17.20
CA ASN A 35 -21.17 -22.25 -17.38
C ASN A 35 -22.35 -22.84 -16.62
N ARG A 36 -23.26 -21.97 -16.18
CA ARG A 36 -24.47 -22.47 -15.53
C ARG A 36 -25.24 -23.41 -16.43
N THR A 37 -25.23 -23.15 -17.74
CA THR A 37 -25.87 -24.04 -18.70
C THR A 37 -24.80 -24.67 -19.58
N PRO A 38 -24.45 -25.93 -19.35
CA PRO A 38 -23.32 -26.53 -20.08
C PRO A 38 -23.50 -26.58 -21.58
N SER A 39 -24.72 -26.50 -22.09
CA SER A 39 -24.93 -26.56 -23.53
C SER A 39 -24.24 -25.40 -24.26
N ARG A 40 -24.11 -24.25 -23.60
CA ARG A 40 -23.43 -23.12 -24.23
CA ARG A 40 -23.43 -23.11 -24.19
C ARG A 40 -21.94 -23.37 -24.40
N ALA A 41 -21.36 -24.31 -23.66
CA ALA A 41 -19.96 -24.64 -23.84
C ALA A 41 -19.70 -25.50 -25.06
N GLU A 42 -20.72 -26.21 -25.55
CA GLU A 42 -20.48 -27.21 -26.60
C GLU A 42 -19.76 -26.64 -27.82
N PRO A 43 -20.17 -25.50 -28.40
CA PRO A 43 -19.39 -24.94 -29.51
C PRO A 43 -17.96 -24.61 -29.15
N LEU A 44 -17.71 -24.20 -27.89
CA LEU A 44 -16.35 -23.86 -27.50
C LEU A 44 -15.50 -25.10 -27.35
N VAL A 45 -16.10 -26.21 -26.92
CA VAL A 45 -15.36 -27.47 -26.81
C VAL A 45 -14.95 -27.95 -28.20
N VAL A 46 -15.86 -27.85 -29.17
CA VAL A 46 -15.52 -28.18 -30.57
C VAL A 46 -14.33 -27.34 -31.03
N GLU A 47 -14.23 -26.08 -30.59
CA GLU A 47 -13.10 -25.26 -30.98
C GLU A 47 -11.83 -25.54 -30.18
N GLY A 48 -11.89 -26.38 -29.14
CA GLY A 48 -10.71 -26.80 -28.41
C GLY A 48 -10.72 -26.50 -26.93
N ALA A 49 -11.75 -25.84 -26.39
CA ALA A 49 -11.83 -25.62 -24.95
C ALA A 49 -12.12 -26.94 -24.23
N ARG A 50 -11.78 -26.95 -22.94
CA ARG A 50 -12.10 -28.07 -22.06
C ARG A 50 -13.22 -27.64 -21.11
N LEU A 51 -14.27 -28.47 -21.02
CA LEU A 51 -15.38 -28.18 -20.13
C LEU A 51 -15.10 -28.76 -18.74
N ALA A 52 -15.06 -27.90 -17.74
CA ALA A 52 -14.84 -28.35 -16.37
C ALA A 52 -16.12 -28.91 -15.79
N ALA A 53 -15.98 -29.86 -14.86
CA ALA A 53 -17.14 -30.53 -14.27
C ALA A 53 -17.86 -29.68 -13.24
N SER A 54 -17.18 -28.71 -12.64
CA SER A 54 -17.74 -27.93 -11.55
C SER A 54 -16.99 -26.60 -11.50
N PRO A 55 -17.52 -25.59 -10.81
CA PRO A 55 -16.73 -24.36 -10.63
C PRO A 55 -15.40 -24.60 -9.93
N THR A 56 -15.35 -25.53 -8.97
CA THR A 56 -14.09 -25.82 -8.28
C THR A 56 -13.05 -26.34 -9.26
N GLU A 57 -13.43 -27.33 -10.07
CA GLU A 57 -12.51 -27.86 -11.07
C GLU A 57 -12.09 -26.81 -12.07
N ALA A 58 -13.01 -25.90 -12.44
CA ALA A 58 -12.66 -24.83 -13.36
C ALA A 58 -11.58 -23.93 -12.76
N VAL A 59 -11.80 -23.48 -11.52
CA VAL A 59 -10.86 -22.60 -10.84
C VAL A 59 -9.50 -23.29 -10.65
N ALA A 60 -9.53 -24.57 -10.32
CA ALA A 60 -8.28 -25.29 -10.08
C ALA A 60 -7.47 -25.55 -11.35
N SER A 61 -8.03 -25.28 -12.53
CA SER A 61 -7.35 -25.60 -13.78
C SER A 61 -6.32 -24.56 -14.21
N SER A 62 -6.37 -23.34 -13.65
CA SER A 62 -5.55 -22.26 -14.16
C SER A 62 -5.19 -21.30 -13.02
N ASP A 63 -4.11 -20.57 -13.22
CA ASP A 63 -3.75 -19.51 -12.28
CA ASP A 63 -3.74 -19.51 -12.29
C ASP A 63 -4.56 -18.24 -12.53
N LEU A 64 -5.26 -18.16 -13.65
CA LEU A 64 -6.01 -16.97 -14.05
C LEU A 64 -7.44 -17.36 -14.33
N VAL A 65 -8.38 -16.71 -13.64
CA VAL A 65 -9.81 -17.01 -13.76
C VAL A 65 -10.50 -15.74 -14.26
N ILE A 66 -11.05 -15.79 -15.48
CA ILE A 66 -11.75 -14.65 -16.08
C ILE A 66 -13.25 -14.87 -15.93
N LEU A 67 -13.94 -13.87 -15.40
CA LEU A 67 -15.38 -13.96 -15.19
C LEU A 67 -16.11 -12.99 -16.12
N SER A 68 -17.07 -13.50 -16.88
CA SER A 68 -17.91 -12.65 -17.74
C SER A 68 -19.35 -13.01 -17.43
N LEU A 69 -19.95 -12.29 -16.47
CA LEU A 69 -21.26 -12.63 -15.93
C LEU A 69 -22.13 -11.39 -15.89
N THR A 70 -23.42 -11.58 -15.57
CA THR A 70 -24.34 -10.45 -15.62
CA THR A 70 -24.35 -10.45 -15.62
C THR A 70 -24.06 -9.43 -14.54
N ASP A 71 -23.60 -9.88 -13.36
CA ASP A 71 -23.27 -8.95 -12.28
C ASP A 71 -22.40 -9.67 -11.26
N TYR A 72 -21.98 -8.95 -10.22
CA TYR A 72 -21.09 -9.57 -9.25
C TYR A 72 -21.81 -10.58 -8.36
N GLN A 73 -23.11 -10.43 -8.14
CA GLN A 73 -23.83 -11.46 -7.39
C GLN A 73 -23.67 -12.83 -8.03
N ALA A 74 -23.64 -12.87 -9.36
CA ALA A 74 -23.46 -14.16 -10.05
C ALA A 74 -22.09 -14.76 -9.75
N MET A 75 -21.07 -13.93 -9.58
CA MET A 75 -19.75 -14.43 -9.17
C MET A 75 -19.81 -15.09 -7.81
N TYR A 76 -20.43 -14.42 -6.82
CA TYR A 76 -20.52 -14.99 -5.48
C TYR A 76 -21.30 -16.29 -5.49
N ASP A 77 -22.42 -16.33 -6.22
CA ASP A 77 -23.25 -17.53 -6.24
C ASP A 77 -22.49 -18.69 -6.89
N ILE A 78 -21.88 -18.45 -8.05
CA ILE A 78 -21.19 -19.52 -8.76
C ILE A 78 -19.97 -20.02 -8.00
N LEU A 79 -19.17 -19.11 -7.45
CA LEU A 79 -17.92 -19.49 -6.83
C LEU A 79 -18.05 -19.87 -5.36
N SER A 80 -19.26 -19.85 -4.79
CA SER A 80 -19.46 -20.20 -3.38
C SER A 80 -18.82 -21.54 -3.04
N THR A 81 -19.09 -22.56 -3.84
CA THR A 81 -18.52 -23.89 -3.56
C THR A 81 -17.04 -24.00 -3.88
N ALA A 82 -16.46 -23.00 -4.55
CA ALA A 82 -15.07 -23.07 -4.99
C ALA A 82 -14.16 -22.14 -4.18
N GLU A 83 -14.66 -21.56 -3.09
CA GLU A 83 -13.91 -20.53 -2.38
C GLU A 83 -12.58 -21.06 -1.86
N SER A 84 -12.56 -22.32 -1.37
CA SER A 84 -11.31 -22.89 -0.89
C SER A 84 -10.32 -23.21 -2.00
N ALA A 85 -10.75 -23.19 -3.26
CA ALA A 85 -9.86 -23.43 -4.39
C ALA A 85 -9.23 -22.15 -4.92
N LEU A 86 -9.62 -20.99 -4.41
CA LEU A 86 -9.19 -19.72 -4.99
C LEU A 86 -7.78 -19.32 -4.60
N ALA A 87 -7.23 -19.90 -3.52
CA ALA A 87 -5.95 -19.43 -2.98
C ALA A 87 -4.85 -19.45 -4.03
N GLY A 88 -4.13 -18.33 -4.13
CA GLY A 88 -3.01 -18.21 -5.02
C GLY A 88 -3.33 -17.89 -6.46
N ARG A 89 -4.60 -17.75 -6.81
CA ARG A 89 -5.00 -17.49 -8.18
C ARG A 89 -5.39 -16.02 -8.33
N THR A 90 -5.56 -15.60 -9.57
CA THR A 90 -5.99 -14.24 -9.90
C THR A 90 -7.35 -14.32 -10.56
N ILE A 91 -8.31 -13.56 -10.03
CA ILE A 91 -9.63 -13.40 -10.64
C ILE A 91 -9.60 -12.08 -11.41
N VAL A 92 -9.99 -12.14 -12.67
CA VAL A 92 -10.22 -10.94 -13.47
C VAL A 92 -11.71 -10.94 -13.77
N ASN A 93 -12.44 -10.00 -13.18
CA ASN A 93 -13.89 -9.96 -13.33
C ASN A 93 -14.24 -8.84 -14.31
N LEU A 94 -14.80 -9.22 -15.45
CA LEU A 94 -15.18 -8.30 -16.52
C LEU A 94 -16.65 -7.94 -16.50
N SER A 95 -17.36 -8.31 -15.44
CA SER A 95 -18.80 -8.06 -15.33
C SER A 95 -19.08 -6.64 -14.86
N SER A 96 -20.18 -6.07 -15.33
CA SER A 96 -20.53 -4.72 -14.93
CA SER A 96 -20.55 -4.71 -14.94
CA SER A 96 -20.57 -4.71 -14.95
C SER A 96 -21.26 -4.71 -13.59
N ASP A 97 -20.92 -3.75 -12.75
CA ASP A 97 -21.59 -3.58 -11.47
C ASP A 97 -21.18 -2.24 -10.87
N ASP A 98 -21.81 -1.91 -9.75
CA ASP A 98 -21.52 -0.70 -9.00
C ASP A 98 -20.06 -0.69 -8.53
N PRO A 99 -19.37 0.46 -8.59
CA PRO A 99 -17.93 0.46 -8.23
C PRO A 99 -17.66 0.00 -6.80
N ASP A 100 -18.48 0.43 -5.84
CA ASP A 100 -18.25 -0.02 -4.47
C ASP A 100 -18.52 -1.50 -4.31
N VAL A 101 -19.46 -2.07 -5.08
CA VAL A 101 -19.63 -3.52 -5.09
C VAL A 101 -18.35 -4.22 -5.53
N THR A 102 -17.69 -3.69 -6.57
CA THR A 102 -16.44 -4.32 -7.01
C THR A 102 -15.34 -4.17 -5.95
N ARG A 103 -15.33 -3.06 -5.19
CA ARG A 103 -14.34 -2.92 -4.12
C ARG A 103 -14.59 -3.94 -3.00
N GLU A 104 -15.86 -4.20 -2.68
CA GLU A 104 -16.16 -5.24 -1.70
C GLU A 104 -15.71 -6.61 -2.19
N ALA A 105 -15.81 -6.86 -3.49
CA ALA A 105 -15.33 -8.12 -4.04
C ALA A 105 -13.83 -8.30 -3.88
N ALA A 106 -13.06 -7.21 -3.97
CA ALA A 106 -11.63 -7.30 -3.73
C ALA A 106 -11.33 -7.75 -2.30
N LYS A 107 -12.18 -7.36 -1.34
CA LYS A 107 -11.98 -7.81 0.04
C LYS A 107 -12.26 -9.30 0.16
N TRP A 108 -13.32 -9.76 -0.47
CA TRP A 108 -13.68 -11.18 -0.46
C TRP A 108 -12.61 -12.02 -1.14
N ALA A 109 -12.10 -11.58 -2.29
CA ALA A 109 -11.03 -12.31 -2.94
C ALA A 109 -9.82 -12.44 -2.02
N ALA A 110 -9.43 -11.34 -1.37
CA ALA A 110 -8.26 -11.38 -0.50
C ALA A 110 -8.48 -12.34 0.66
N LYS A 111 -9.69 -12.35 1.21
CA LYS A 111 -10.01 -13.25 2.31
C LYS A 111 -9.73 -14.70 1.93
N HIS A 112 -9.99 -15.05 0.67
CA HIS A 112 -9.78 -16.40 0.16
C HIS A 112 -8.45 -16.56 -0.57
N GLY A 113 -7.54 -15.61 -0.39
CA GLY A 113 -6.19 -15.75 -0.89
C GLY A 113 -6.02 -15.51 -2.36
N ALA A 114 -7.00 -14.89 -3.03
CA ALA A 114 -6.91 -14.62 -4.45
C ALA A 114 -6.61 -13.14 -4.70
N THR A 115 -5.84 -12.89 -5.75
CA THR A 115 -5.64 -11.54 -6.28
C THR A 115 -6.85 -11.18 -7.13
N PHE A 116 -7.22 -9.90 -7.12
CA PHE A 116 -8.45 -9.50 -7.79
C PHE A 116 -8.21 -8.29 -8.67
N ILE A 117 -8.61 -8.39 -9.95
CA ILE A 117 -8.54 -7.30 -10.91
C ILE A 117 -9.94 -7.12 -11.48
N ALA A 118 -10.42 -5.86 -11.57
CA ALA A 118 -11.69 -5.58 -12.23
C ALA A 118 -11.43 -5.09 -13.65
N GLY A 119 -12.27 -5.48 -14.59
CA GLY A 119 -12.19 -4.99 -15.95
C GLY A 119 -13.52 -4.46 -16.41
N GLY A 120 -13.46 -3.58 -17.41
CA GLY A 120 -14.66 -3.06 -18.03
C GLY A 120 -14.49 -3.08 -19.54
N VAL A 121 -15.25 -3.92 -20.24
CA VAL A 121 -15.07 -4.07 -21.69
C VAL A 121 -15.86 -2.95 -22.38
N MET A 122 -15.14 -2.08 -23.09
CA MET A 122 -15.74 -0.86 -23.62
C MET A 122 -16.32 -1.01 -25.00
N THR A 123 -16.02 -2.08 -25.69
CA THR A 123 -16.43 -2.23 -27.08
C THR A 123 -17.25 -3.52 -27.21
N PRO A 124 -18.05 -3.64 -28.26
CA PRO A 124 -18.90 -4.83 -28.39
C PRO A 124 -18.09 -6.10 -28.59
N ALA A 125 -18.70 -7.24 -28.28
CA ALA A 125 -18.04 -8.53 -28.39
C ALA A 125 -17.39 -8.79 -29.76
N PRO A 126 -17.98 -8.37 -30.89
CA PRO A 126 -17.29 -8.57 -32.19
C PRO A 126 -15.92 -7.91 -32.29
N THR A 127 -15.57 -6.96 -31.42
CA THR A 127 -14.26 -6.33 -31.49
C THR A 127 -13.18 -7.10 -30.73
N VAL A 128 -13.56 -8.09 -29.92
CA VAL A 128 -12.59 -8.86 -29.16
C VAL A 128 -11.52 -9.45 -30.08
N GLY A 129 -10.26 -9.32 -29.66
CA GLY A 129 -9.14 -9.83 -30.43
C GLY A 129 -8.71 -8.96 -31.59
N THR A 130 -9.30 -7.77 -31.75
CA THR A 130 -8.95 -6.87 -32.84
C THR A 130 -8.41 -5.55 -32.30
N GLU A 131 -7.91 -4.74 -33.22
CA GLU A 131 -7.41 -3.40 -32.88
C GLU A 131 -8.50 -2.50 -32.31
N ALA A 132 -9.77 -2.80 -32.59
CA ALA A 132 -10.86 -1.92 -32.17
C ALA A 132 -11.21 -2.09 -30.69
N ALA A 133 -10.90 -3.23 -30.12
CA ALA A 133 -11.31 -3.51 -28.75
C ALA A 133 -10.49 -2.67 -27.77
N TYR A 134 -11.12 -2.29 -26.66
CA TYR A 134 -10.32 -1.86 -25.53
C TYR A 134 -11.07 -2.11 -24.23
N VAL A 135 -10.30 -2.44 -23.19
CA VAL A 135 -10.86 -2.90 -21.92
C VAL A 135 -10.09 -2.18 -20.83
N PHE A 136 -10.83 -1.53 -19.92
CA PHE A 136 -10.23 -0.92 -18.73
C PHE A 136 -9.90 -2.00 -17.71
N TYR A 137 -8.78 -1.84 -16.99
CA TYR A 137 -8.44 -2.74 -15.90
C TYR A 137 -7.99 -1.92 -14.69
N SER A 138 -8.34 -2.40 -13.49
CA SER A 138 -7.86 -1.73 -12.29
C SER A 138 -7.67 -2.74 -11.17
N GLY A 139 -6.79 -2.40 -10.25
CA GLY A 139 -6.31 -3.32 -9.25
C GLY A 139 -4.79 -3.31 -9.22
N PRO A 140 -4.19 -4.24 -8.49
CA PRO A 140 -2.72 -4.25 -8.36
C PRO A 140 -2.02 -4.28 -9.71
N LYS A 141 -1.12 -3.32 -9.92
CA LYS A 141 -0.42 -3.22 -11.19
C LYS A 141 0.44 -4.44 -11.45
N SER A 142 1.06 -5.00 -10.40
CA SER A 142 1.88 -6.20 -10.57
C SER A 142 1.05 -7.37 -11.09
N ALA A 143 -0.21 -7.46 -10.65
CA ALA A 143 -1.10 -8.50 -11.15
C ALA A 143 -1.46 -8.29 -12.61
N PHE A 144 -1.85 -7.05 -12.95
CA PHE A 144 -2.07 -6.73 -14.35
C PHE A 144 -0.85 -7.11 -15.20
N ASP A 145 0.35 -6.73 -14.74
CA ASP A 145 1.55 -6.99 -15.53
C ASP A 145 1.80 -8.49 -15.68
N ALA A 146 1.50 -9.26 -14.64
CA ALA A 146 1.74 -10.69 -14.71
C ALA A 146 0.85 -11.37 -15.74
N HIS A 147 -0.33 -10.82 -16.00
CA HIS A 147 -1.30 -11.44 -16.90
C HIS A 147 -1.51 -10.67 -18.19
N GLU A 148 -0.73 -9.60 -18.39
CA GLU A 148 -0.89 -8.75 -19.57
C GLU A 148 -0.87 -9.51 -20.89
N PRO A 149 -0.02 -10.53 -21.10
CA PRO A 149 -0.08 -11.26 -22.38
C PRO A 149 -1.46 -11.81 -22.70
N VAL A 150 -2.14 -12.41 -21.72
CA VAL A 150 -3.50 -12.89 -21.96
C VAL A 150 -4.44 -11.72 -22.24
N LEU A 151 -4.37 -10.67 -21.41
CA LEU A 151 -5.27 -9.55 -21.58
C LEU A 151 -5.01 -8.84 -22.89
N ARG A 152 -3.77 -8.84 -23.37
CA ARG A 152 -3.45 -8.25 -24.66
C ARG A 152 -4.21 -8.93 -25.78
N HIS A 153 -4.33 -10.26 -25.73
CA HIS A 153 -5.02 -10.98 -26.79
C HIS A 153 -6.51 -10.67 -26.81
N ILE A 154 -7.11 -10.44 -25.65
CA ILE A 154 -8.52 -10.03 -25.59
C ILE A 154 -8.71 -8.70 -26.31
N GLY A 155 -7.76 -7.78 -26.15
CA GLY A 155 -7.80 -6.56 -26.94
C GLY A 155 -7.69 -5.28 -26.14
N GLY A 156 -6.79 -4.40 -26.56
CA GLY A 156 -6.60 -3.07 -26.02
C GLY A 156 -6.74 -2.88 -24.52
N PRO A 157 -5.91 -3.55 -23.72
CA PRO A 157 -5.95 -3.32 -22.27
C PRO A 157 -5.48 -1.92 -21.91
N ARG A 158 -6.19 -1.30 -20.96
CA ARG A 158 -5.89 0.06 -20.50
C ARG A 158 -5.88 0.04 -18.98
N PHE A 159 -4.69 0.00 -18.37
CA PHE A 159 -4.59 0.00 -16.92
C PHE A 159 -4.89 1.38 -16.37
N LEU A 160 -5.82 1.48 -15.43
CA LEU A 160 -6.26 2.77 -14.93
C LEU A 160 -5.65 3.14 -13.58
N GLY A 161 -5.19 2.18 -12.82
CA GLY A 161 -4.77 2.50 -11.46
C GLY A 161 -5.07 1.36 -10.52
N GLU A 162 -4.59 1.47 -9.27
CA GLU A 162 -4.61 0.34 -8.35
C GLU A 162 -5.82 0.34 -7.42
N ASP A 163 -6.80 1.20 -7.65
CA ASP A 163 -8.11 1.12 -7.00
C ASP A 163 -8.97 0.17 -7.84
N THR A 164 -9.37 -0.97 -7.25
CA THR A 164 -10.21 -1.93 -7.97
C THR A 164 -11.46 -1.29 -8.59
N GLY A 165 -12.04 -0.31 -7.91
CA GLY A 165 -13.28 0.27 -8.39
C GLY A 165 -13.16 1.14 -9.65
N LEU A 166 -11.95 1.42 -10.13
CA LEU A 166 -11.83 2.38 -11.23
C LEU A 166 -12.42 1.85 -12.53
N ALA A 167 -12.20 0.55 -12.82
CA ALA A 167 -12.64 0.00 -14.11
C ALA A 167 -14.14 0.18 -14.30
N GLN A 168 -14.93 -0.16 -13.27
CA GLN A 168 -16.37 0.01 -13.43
C GLN A 168 -16.80 1.47 -13.29
N LEU A 169 -16.05 2.28 -12.53
CA LEU A 169 -16.36 3.72 -12.50
C LEU A 169 -16.23 4.31 -13.89
N TYR A 170 -15.11 4.02 -14.58
CA TYR A 170 -14.93 4.54 -15.93
C TYR A 170 -15.94 3.92 -16.89
N TYR A 171 -16.18 2.61 -16.77
CA TYR A 171 -17.18 1.96 -17.62
C TYR A 171 -18.56 2.60 -17.48
N LEU A 172 -19.02 2.78 -16.24
CA LEU A 172 -20.35 3.33 -16.03
C LEU A 172 -20.42 4.80 -16.43
N ALA A 173 -19.32 5.54 -16.31
CA ALA A 173 -19.32 6.92 -16.78
C ALA A 173 -19.42 6.97 -18.30
N HIS A 174 -18.75 6.04 -19.00
CA HIS A 174 -18.96 5.95 -20.46
C HIS A 174 -20.40 5.60 -20.77
N LEU A 175 -20.98 4.65 -20.04
CA LEU A 175 -22.38 4.27 -20.28
C LEU A 175 -23.35 5.37 -19.88
N ASP A 176 -22.96 6.23 -18.94
CA ASP A 176 -23.71 7.44 -18.60
C ASP A 176 -23.93 8.29 -19.85
N VAL A 177 -22.85 8.55 -20.59
CA VAL A 177 -22.97 9.30 -21.85
C VAL A 177 -23.83 8.52 -22.85
N PHE A 178 -23.52 7.23 -23.03
CA PHE A 178 -24.21 6.38 -24.01
C PHE A 178 -25.71 6.34 -23.76
N LEU A 179 -26.14 5.93 -22.57
CA LEU A 179 -27.56 5.74 -22.32
C LEU A 179 -28.32 7.06 -22.38
N THR A 180 -27.71 8.14 -21.86
CA THR A 180 -28.41 9.41 -21.81
C THR A 180 -28.54 10.01 -23.20
N THR A 181 -27.47 9.91 -24.00
CA THR A 181 -27.50 10.39 -25.38
C THR A 181 -28.53 9.62 -26.18
N LEU A 182 -28.56 8.30 -26.03
CA LEU A 182 -29.54 7.49 -26.75
C LEU A 182 -30.97 7.84 -26.34
N ALA A 183 -31.20 8.04 -25.04
CA ALA A 183 -32.55 8.40 -24.59
C ALA A 183 -32.98 9.73 -25.21
N SER A 184 -32.05 10.67 -25.37
CA SER A 184 -32.41 11.97 -25.93
C SER A 184 -32.78 11.88 -27.40
N VAL A 185 -32.15 10.97 -28.16
CA VAL A 185 -32.54 10.76 -29.56
C VAL A 185 -33.98 10.26 -29.64
N VAL A 186 -34.35 9.32 -28.76
CA VAL A 186 -35.71 8.81 -28.77
C VAL A 186 -36.68 9.88 -28.30
N HIS A 187 -36.30 10.66 -27.28
CA HIS A 187 -37.19 11.69 -26.77
C HIS A 187 -37.43 12.76 -27.83
N ALA A 188 -36.37 13.19 -28.51
CA ALA A 188 -36.50 14.21 -29.56
C ALA A 188 -37.38 13.71 -30.70
N THR A 189 -37.24 12.44 -31.08
CA THR A 189 -38.10 11.90 -32.14
C THR A 189 -39.56 11.89 -31.68
N ALA A 190 -39.80 11.55 -30.41
CA ALA A 190 -41.17 11.59 -29.89
C ALA A 190 -41.73 13.00 -29.90
N LEU A 191 -40.90 13.99 -29.57
CA LEU A 191 -41.37 15.38 -29.57
C LEU A 191 -41.88 15.78 -30.95
N VAL A 192 -41.15 15.41 -32.00
CA VAL A 192 -41.55 15.77 -33.36
C VAL A 192 -42.70 14.90 -33.84
N SER A 193 -42.64 13.59 -33.58
CA SER A 193 -43.68 12.71 -34.08
C SER A 193 -45.04 12.96 -33.43
N ALA A 194 -45.06 13.56 -32.24
CA ALA A 194 -46.33 13.92 -31.62
C ALA A 194 -47.12 14.87 -32.52
N ALA A 195 -46.46 15.60 -33.40
CA ALA A 195 -47.15 16.46 -34.35
C ALA A 195 -47.65 15.72 -35.58
N GLY A 196 -47.41 14.42 -35.69
CA GLY A 196 -47.82 13.66 -36.86
C GLY A 196 -46.71 13.34 -37.84
N VAL A 197 -45.49 13.81 -37.58
CA VAL A 197 -44.36 13.54 -38.47
C VAL A 197 -43.97 12.08 -38.34
N ASP A 198 -43.68 11.45 -39.48
CA ASP A 198 -43.20 10.06 -39.54
C ASP A 198 -41.89 9.91 -38.75
N GLU A 199 -41.87 8.98 -37.78
CA GLU A 199 -40.66 8.76 -36.99
C GLU A 199 -39.45 8.50 -37.88
N ALA A 200 -39.66 7.80 -38.98
CA ALA A 200 -38.56 7.48 -39.90
C ALA A 200 -38.01 8.71 -40.59
N ALA A 201 -38.79 9.80 -40.66
CA ALA A 201 -38.28 11.04 -41.25
C ALA A 201 -37.35 11.78 -40.30
N PHE A 202 -37.66 11.78 -39.00
CA PHE A 202 -36.89 12.61 -38.08
C PHE A 202 -35.77 11.86 -37.37
N ALA A 203 -35.93 10.57 -37.06
CA ALA A 203 -34.86 9.87 -36.35
C ALA A 203 -33.49 10.03 -36.99
N PRO A 204 -33.32 9.97 -38.32
CA PRO A 204 -31.97 10.21 -38.88
C PRO A 204 -31.42 11.58 -38.58
N GLU A 205 -32.28 12.60 -38.45
CA GLU A 205 -31.81 13.94 -38.10
C GLU A 205 -31.37 14.01 -36.64
N ALA A 206 -32.11 13.35 -35.75
CA ALA A 206 -31.68 13.32 -34.34
C ALA A 206 -30.33 12.63 -34.22
N ILE A 207 -30.12 11.56 -34.99
CA ILE A 207 -28.82 10.87 -35.02
C ILE A 207 -27.74 11.79 -35.55
N ARG A 208 -28.01 12.52 -36.63
CA ARG A 208 -27.02 13.46 -37.13
CA ARG A 208 -27.03 13.47 -37.13
C ARG A 208 -26.69 14.52 -36.07
N MET A 209 -27.66 14.90 -35.24
CA MET A 209 -27.37 15.87 -34.19
C MET A 209 -26.40 15.31 -33.16
N VAL A 210 -26.48 14.02 -32.84
CA VAL A 210 -25.44 13.42 -31.98
C VAL A 210 -24.08 13.55 -32.63
N ILE A 211 -23.97 13.16 -33.91
CA ILE A 211 -22.70 13.26 -34.63
C ILE A 211 -22.18 14.69 -34.61
N GLU A 212 -23.06 15.66 -34.89
CA GLU A 212 -22.65 17.07 -34.89
C GLU A 212 -22.23 17.52 -33.50
N THR A 213 -22.89 17.03 -32.45
CA THR A 213 -22.50 17.41 -31.11
C THR A 213 -21.10 16.90 -30.79
N GLY A 214 -20.80 15.66 -31.20
CA GLY A 214 -19.48 15.11 -30.97
C GLY A 214 -18.39 15.85 -31.72
N GLN A 215 -18.69 16.22 -32.98
CA GLN A 215 -17.75 17.01 -33.77
C GLN A 215 -17.45 18.34 -33.10
N MET A 216 -18.51 19.02 -32.63
CA MET A 216 -18.33 20.31 -31.96
C MET A 216 -17.45 20.15 -30.72
N LEU A 217 -17.70 19.10 -29.93
CA LEU A 217 -16.94 18.90 -28.71
C LEU A 217 -15.48 18.60 -29.01
N ALA A 218 -15.21 17.84 -30.05
CA ALA A 218 -13.86 17.49 -30.43
C ALA A 218 -13.18 18.56 -31.27
N ALA A 219 -13.85 19.66 -31.51
CA ALA A 219 -13.34 20.67 -32.43
C ALA A 219 -11.88 20.95 -32.36
N GLU A 220 -11.35 20.90 -33.56
CA GLU A 220 -9.99 21.12 -33.94
C GLU A 220 -9.55 22.58 -33.70
N ALA A 221 -10.49 23.47 -33.86
CA ALA A 221 -10.20 24.87 -33.76
C ALA A 221 -9.83 25.47 -32.43
N GLU A 222 -8.94 26.45 -32.50
CA GLU A 222 -8.48 27.15 -31.34
C GLU A 222 -9.58 27.96 -30.69
N THR A 223 -10.53 28.47 -31.46
CA THR A 223 -11.62 29.24 -30.88
C THR A 223 -12.74 28.37 -30.31
N GLY A 224 -12.73 27.07 -30.58
CA GLY A 224 -13.80 26.20 -30.12
C GLY A 224 -13.75 25.95 -28.63
N LEU A 225 -14.85 25.37 -28.13
CA LEU A 225 -14.96 25.03 -26.72
C LEU A 225 -13.89 24.02 -26.31
N GLU A 226 -13.27 24.27 -25.16
CA GLU A 226 -12.32 23.35 -24.55
C GLU A 226 -12.96 22.83 -23.26
N LEU A 227 -13.78 21.78 -23.39
CA LEU A 227 -14.60 21.33 -22.28
C LEU A 227 -13.74 20.90 -21.09
N GLY A 228 -12.74 20.04 -21.34
CA GLY A 228 -11.91 19.57 -20.26
C GLY A 228 -11.16 20.68 -19.56
N ARG A 229 -10.77 21.70 -20.32
CA ARG A 229 -10.11 22.86 -19.72
C ARG A 229 -11.04 23.60 -18.76
N ASN A 230 -12.28 23.84 -19.17
CA ASN A 230 -13.24 24.49 -18.27
C ASN A 230 -13.42 23.69 -16.99
N LEU A 231 -13.68 22.38 -17.11
CA LEU A 231 -13.97 21.59 -15.93
C LEU A 231 -12.75 21.45 -15.03
N ALA A 232 -11.56 21.28 -15.62
CA ALA A 232 -10.36 21.09 -14.80
C ALA A 232 -9.95 22.37 -14.10
N SER A 233 -10.15 23.53 -14.75
CA SER A 233 -9.69 24.79 -14.18
C SER A 233 -10.73 25.42 -13.26
N GLY A 234 -12.00 25.04 -13.37
CA GLY A 234 -13.05 25.74 -12.66
C GLY A 234 -13.42 27.09 -13.25
N ASN A 235 -12.90 27.42 -14.41
CA ASN A 235 -13.24 28.66 -15.09
C ASN A 235 -14.16 28.33 -16.26
N HIS A 236 -15.34 28.95 -16.28
CA HIS A 236 -16.36 28.67 -17.29
C HIS A 236 -16.69 29.94 -18.06
N PRO A 237 -15.77 30.41 -18.91
CA PRO A 237 -15.98 31.70 -19.59
C PRO A 237 -17.19 31.64 -20.52
N GLY A 238 -18.13 32.56 -20.29
CA GLY A 238 -19.30 32.65 -21.14
C GLY A 238 -18.97 33.28 -22.47
N GLU A 239 -19.08 32.49 -23.54
CA GLU A 239 -18.92 33.00 -24.89
C GLU A 239 -20.30 33.28 -25.48
N LEU A 240 -20.66 32.58 -26.55
CA LEU A 240 -22.00 32.65 -27.11
C LEU A 240 -22.88 31.49 -26.68
N ALA A 241 -22.46 30.73 -25.65
CA ALA A 241 -23.23 29.60 -25.15
C ALA A 241 -23.28 29.68 -23.63
N THR A 242 -24.00 30.67 -23.11
CA THR A 242 -24.10 30.89 -21.67
C THR A 242 -25.17 29.99 -21.05
N ALA A 243 -25.07 29.84 -19.72
CA ALA A 243 -26.03 29.03 -18.98
C ALA A 243 -27.43 29.62 -19.06
N VAL A 244 -27.54 30.96 -19.03
CA VAL A 244 -28.88 31.54 -19.07
C VAL A 244 -29.49 31.39 -20.47
N MET A 245 -28.67 31.46 -21.52
CA MET A 245 -29.20 31.33 -22.87
C MET A 245 -29.63 29.89 -23.14
N MET A 246 -28.78 28.93 -22.79
CA MET A 246 -29.12 27.53 -23.05
C MET A 246 -30.20 27.04 -22.09
N GLY A 247 -30.28 27.62 -20.88
CA GLY A 247 -31.37 27.29 -19.99
C GLY A 247 -32.72 27.75 -20.51
N ALA A 248 -32.75 28.89 -21.21
CA ALA A 248 -33.99 29.33 -21.83
C ALA A 248 -34.47 28.32 -22.85
N THR A 249 -33.53 27.77 -23.62
CA THR A 249 -33.87 26.72 -24.58
C THR A 249 -34.35 25.46 -23.87
N ALA A 250 -33.67 25.09 -22.77
CA ALA A 250 -34.16 23.95 -21.98
C ALA A 250 -35.60 24.17 -21.52
N ASP A 251 -35.93 25.41 -21.12
CA ASP A 251 -37.31 25.71 -20.73
C ASP A 251 -38.29 25.53 -21.88
N HIS A 252 -37.90 25.94 -23.10
CA HIS A 252 -38.76 25.80 -24.26
C HIS A 252 -38.97 24.33 -24.61
N ILE A 253 -37.94 23.50 -24.43
CA ILE A 253 -38.12 22.08 -24.67
C ILE A 253 -39.13 21.48 -23.69
N VAL A 254 -39.06 21.87 -22.42
CA VAL A 254 -40.03 21.38 -21.44
C VAL A 254 -41.45 21.83 -21.80
N SER A 255 -41.62 23.10 -22.19
CA SER A 255 -42.98 23.51 -22.54
C SER A 255 -43.47 22.83 -23.81
N ALA A 256 -42.59 22.60 -24.79
CA ALA A 256 -42.99 21.89 -25.99
C ALA A 256 -43.43 20.47 -25.66
N ALA A 257 -42.66 19.78 -24.80
CA ALA A 257 -43.03 18.42 -24.42
C ALA A 257 -44.32 18.40 -23.63
N LYS A 258 -44.48 19.35 -22.70
CA LYS A 258 -45.70 19.41 -21.91
C LYS A 258 -46.91 19.65 -22.80
N GLY A 259 -46.75 20.48 -23.82
CA GLY A 259 -47.88 20.80 -24.67
C GLY A 259 -48.33 19.65 -25.55
N SER A 260 -47.41 18.76 -25.90
CA SER A 260 -47.70 17.67 -26.83
C SER A 260 -47.87 16.33 -26.15
N GLY A 261 -47.81 16.27 -24.82
CA GLY A 261 -48.07 15.03 -24.12
C GLY A 261 -46.93 14.05 -24.14
N VAL A 262 -45.71 14.54 -24.33
CA VAL A 262 -44.51 13.71 -24.37
C VAL A 262 -43.87 13.68 -22.98
N ASP A 263 -43.27 12.54 -22.61
CA ASP A 263 -42.82 12.36 -21.24
C ASP A 263 -41.81 13.43 -20.83
N LEU A 264 -41.92 13.89 -19.59
CA LEU A 264 -41.17 15.07 -19.15
C LEU A 264 -39.91 14.78 -18.36
N VAL A 265 -39.67 13.55 -17.88
CA VAL A 265 -38.62 13.40 -16.87
C VAL A 265 -37.25 13.79 -17.43
N LEU A 266 -36.96 13.43 -18.69
CA LEU A 266 -35.64 13.74 -19.24
C LEU A 266 -35.45 15.24 -19.44
N PRO A 267 -36.33 15.96 -20.16
CA PRO A 267 -36.09 17.41 -20.31
C PRO A 267 -36.21 18.18 -19.00
N GLU A 268 -37.00 17.69 -18.04
CA GLU A 268 -37.05 18.38 -16.76
C GLU A 268 -35.75 18.21 -15.98
N ALA A 269 -35.05 17.08 -16.16
CA ALA A 269 -33.73 16.93 -15.54
C ALA A 269 -32.74 17.94 -16.10
N VAL A 270 -32.75 18.13 -17.41
CA VAL A 270 -31.85 19.11 -18.04
C VAL A 270 -32.22 20.51 -17.55
N LYS A 271 -33.52 20.83 -17.54
CA LYS A 271 -33.95 22.14 -17.05
C LYS A 271 -33.54 22.35 -15.60
N SER A 272 -33.63 21.29 -14.76
CA SER A 272 -33.20 21.41 -13.36
C SER A 272 -31.73 21.77 -13.26
N LEU A 273 -30.88 21.18 -14.10
CA LEU A 273 -29.46 21.53 -14.08
C LEU A 273 -29.25 22.99 -14.44
N TYR A 274 -29.91 23.47 -15.49
CA TYR A 274 -29.74 24.87 -15.89
C TYR A 274 -30.35 25.81 -14.87
N ASP A 275 -31.53 25.47 -14.35
CA ASP A 275 -32.18 26.33 -13.34
C ASP A 275 -31.25 26.55 -12.15
N ARG A 276 -30.66 25.46 -11.65
CA ARG A 276 -29.80 25.59 -10.48
C ARG A 276 -28.46 26.25 -10.81
N THR A 277 -27.96 26.07 -12.04
CA THR A 277 -26.73 26.74 -12.43
C THR A 277 -26.93 28.26 -12.47
N VAL A 278 -28.06 28.70 -13.02
CA VAL A 278 -28.35 30.13 -13.05
C VAL A 278 -28.59 30.66 -11.65
N ALA A 279 -29.36 29.92 -10.85
CA ALA A 279 -29.68 30.33 -9.48
C ALA A 279 -28.44 30.39 -8.58
N ALA A 280 -27.37 29.70 -8.94
CA ALA A 280 -26.11 29.77 -8.21
C ALA A 280 -25.23 30.93 -8.67
N GLY A 281 -25.71 31.75 -9.60
CA GLY A 281 -24.99 32.92 -10.06
C GLY A 281 -24.19 32.75 -11.34
N HIS A 282 -24.29 31.61 -12.02
CA HIS A 282 -23.47 31.32 -13.19
C HIS A 282 -24.20 31.62 -14.50
N GLY A 283 -25.25 32.44 -14.47
CA GLY A 283 -26.03 32.66 -15.67
C GLY A 283 -25.22 33.17 -16.86
N LYS A 284 -24.30 34.09 -16.60
CA LYS A 284 -23.45 34.66 -17.65
C LYS A 284 -22.21 33.82 -17.93
N ASP A 285 -22.00 32.75 -17.18
CA ASP A 285 -20.92 31.83 -17.47
C ASP A 285 -21.34 30.82 -18.52
N SER A 286 -20.36 30.07 -19.01
CA SER A 286 -20.63 28.98 -19.93
C SER A 286 -21.62 27.98 -19.32
N TRP A 287 -22.34 27.29 -20.20
CA TRP A 287 -23.17 26.17 -19.76
C TRP A 287 -22.36 25.13 -19.00
N THR A 288 -21.05 25.03 -19.28
CA THR A 288 -20.20 24.07 -18.55
C THR A 288 -20.17 24.34 -17.06
N ALA A 289 -20.60 25.52 -16.62
CA ALA A 289 -20.70 25.81 -15.19
C ALA A 289 -21.68 24.90 -14.47
N MET A 290 -22.54 24.15 -15.19
CA MET A 290 -23.37 23.19 -14.48
C MET A 290 -22.53 22.15 -13.76
N TYR A 291 -21.27 22.00 -14.16
CA TYR A 291 -20.35 21.11 -13.47
C TYR A 291 -20.25 21.46 -11.99
N GLU A 292 -20.30 22.76 -11.67
CA GLU A 292 -20.19 23.16 -10.27
C GLU A 292 -21.42 22.78 -9.45
N ILE A 293 -22.57 22.58 -10.11
CA ILE A 293 -23.77 22.05 -9.46
C ILE A 293 -23.73 20.53 -9.35
N ILE A 294 -23.20 19.86 -10.37
CA ILE A 294 -23.26 18.39 -10.45
C ILE A 294 -22.19 17.74 -9.57
N LYS A 295 -21.02 18.33 -9.51
CA LYS A 295 -19.85 17.66 -8.95
C LYS A 295 -19.99 17.42 -7.45
N LYS A 296 -19.21 16.47 -6.96
CA LYS A 296 -19.13 16.17 -5.53
C LYS A 296 -18.74 17.43 -4.78
N LYS A 297 -19.44 17.71 -3.68
CA LYS A 297 -19.18 18.92 -2.88
C LYS A 297 -17.73 18.99 -2.41
N LYS B 5 13.00 11.16 -31.46
CA LYS B 5 13.90 12.18 -30.92
C LYS B 5 13.23 13.56 -30.88
N SER B 6 12.11 13.63 -30.18
CA SER B 6 11.40 14.90 -30.07
C SER B 6 12.12 15.83 -29.09
N PRO B 7 12.05 17.14 -29.34
CA PRO B 7 12.71 18.09 -28.45
C PRO B 7 12.05 18.11 -27.07
N VAL B 8 12.87 18.34 -26.04
CA VAL B 8 12.44 18.39 -24.65
CA VAL B 8 12.39 18.41 -24.67
C VAL B 8 13.03 19.63 -24.00
N THR B 9 12.27 20.25 -23.10
CA THR B 9 12.75 21.35 -22.30
C THR B 9 12.88 20.90 -20.85
N LEU B 10 13.99 21.24 -20.20
CA LEU B 10 14.19 20.88 -18.80
C LEU B 10 14.61 22.12 -18.04
N ILE B 11 13.93 22.37 -16.91
CA ILE B 11 14.25 23.45 -15.99
C ILE B 11 14.53 22.84 -14.63
N GLY B 12 15.62 23.29 -14.01
CA GLY B 12 16.06 22.71 -12.75
C GLY B 12 17.33 21.93 -12.98
N LEU B 13 18.47 22.57 -12.72
CA LEU B 13 19.77 22.00 -13.06
C LEU B 13 20.54 21.53 -11.83
N GLY B 14 19.83 21.05 -10.81
CA GLY B 14 20.44 20.29 -9.77
C GLY B 14 20.93 18.95 -10.29
N PRO B 15 21.50 18.14 -9.39
CA PRO B 15 22.02 16.82 -9.82
C PRO B 15 21.02 15.98 -10.58
N MET B 16 19.77 15.93 -10.12
CA MET B 16 18.76 15.15 -10.84
C MET B 16 18.54 15.71 -12.24
N GLY B 17 18.33 17.03 -12.34
CA GLY B 17 18.10 17.63 -13.64
C GLY B 17 19.28 17.48 -14.58
N GLN B 18 20.50 17.65 -14.08
CA GLN B 18 21.66 17.51 -14.94
C GLN B 18 21.78 16.09 -15.50
N ALA B 19 21.50 15.08 -14.67
CA ALA B 19 21.58 13.70 -15.15
C ALA B 19 20.53 13.46 -16.22
N MET B 20 19.36 14.06 -16.08
CA MET B 20 18.30 13.86 -17.06
C MET B 20 18.66 14.51 -18.41
N VAL B 21 19.17 15.74 -18.37
CA VAL B 21 19.63 16.39 -19.60
C VAL B 21 20.66 15.52 -20.32
N ARG B 22 21.69 15.09 -19.58
CA ARG B 22 22.73 14.28 -20.19
C ARG B 22 22.17 13.00 -20.78
N THR B 23 21.25 12.34 -20.06
CA THR B 23 20.68 11.10 -20.58
C THR B 23 19.86 11.36 -21.83
N LEU B 24 19.04 12.41 -21.83
CA LEU B 24 18.20 12.68 -22.99
C LEU B 24 19.03 13.13 -24.19
N LEU B 25 20.08 13.92 -23.95
CA LEU B 25 21.01 14.26 -25.02
C LEU B 25 21.63 12.98 -25.60
N GLY B 26 22.04 12.05 -24.73
CA GLY B 26 22.64 10.81 -25.19
C GLY B 26 21.73 9.97 -26.05
N GLN B 27 20.41 10.14 -25.91
CA GLN B 27 19.44 9.42 -26.72
C GLN B 27 19.05 10.18 -27.98
N GLY B 28 19.68 11.31 -28.27
CA GLY B 28 19.38 12.05 -29.47
C GLY B 28 18.27 13.05 -29.36
N HIS B 29 17.79 13.35 -28.17
CA HIS B 29 16.77 14.38 -28.00
C HIS B 29 17.44 15.75 -27.99
N PRO B 30 16.98 16.68 -28.82
CA PRO B 30 17.38 18.08 -28.60
C PRO B 30 16.82 18.53 -27.26
N VAL B 31 17.65 19.17 -26.46
CA VAL B 31 17.27 19.55 -25.10
C VAL B 31 17.53 21.03 -24.91
N THR B 32 16.49 21.75 -24.54
CA THR B 32 16.58 23.16 -24.19
C THR B 32 16.50 23.27 -22.67
N VAL B 33 17.42 24.03 -22.08
CA VAL B 33 17.43 24.20 -20.64
C VAL B 33 17.28 25.68 -20.33
N TRP B 34 16.83 25.94 -19.12
CA TRP B 34 16.89 27.31 -18.63
C TRP B 34 17.27 27.31 -17.17
N ASN B 35 18.12 28.25 -16.80
CA ASN B 35 18.52 28.48 -15.43
C ASN B 35 18.81 29.97 -15.27
N ARG B 36 18.56 30.47 -14.08
CA ARG B 36 18.79 31.88 -13.77
C ARG B 36 20.22 32.30 -14.05
N THR B 37 21.18 31.42 -13.75
CA THR B 37 22.60 31.73 -13.92
C THR B 37 23.16 30.98 -15.11
N PRO B 38 23.59 31.66 -16.17
CA PRO B 38 24.11 30.94 -17.35
C PRO B 38 25.22 29.96 -17.06
N SER B 39 26.03 30.20 -16.02
CA SER B 39 27.15 29.29 -15.73
C SER B 39 26.66 27.91 -15.30
N ARG B 40 25.54 27.83 -14.60
CA ARG B 40 25.02 26.53 -14.17
C ARG B 40 24.76 25.61 -15.36
N ALA B 41 24.40 26.18 -16.51
CA ALA B 41 24.06 25.39 -17.69
C ALA B 41 25.24 25.19 -18.64
N GLU B 42 26.35 25.89 -18.43
CA GLU B 42 27.46 25.82 -19.38
C GLU B 42 27.96 24.40 -19.63
N PRO B 43 28.16 23.55 -18.62
CA PRO B 43 28.57 22.17 -18.93
C PRO B 43 27.58 21.45 -19.82
N LEU B 44 26.28 21.61 -19.55
CA LEU B 44 25.25 20.95 -20.36
C LEU B 44 25.23 21.49 -21.78
N VAL B 45 25.52 22.78 -21.96
CA VAL B 45 25.57 23.35 -23.31
C VAL B 45 26.73 22.73 -24.09
N VAL B 46 27.86 22.51 -23.44
CA VAL B 46 29.01 21.87 -24.11
C VAL B 46 28.63 20.50 -24.64
N GLU B 47 27.78 19.78 -23.94
CA GLU B 47 27.40 18.43 -24.35
C GLU B 47 26.20 18.41 -25.30
N GLY B 48 25.71 19.58 -25.72
CA GLY B 48 24.70 19.65 -26.77
C GLY B 48 23.40 20.33 -26.38
N ALA B 49 23.19 20.71 -25.12
CA ALA B 49 21.98 21.40 -24.73
C ALA B 49 22.02 22.84 -25.21
N ARG B 50 20.84 23.43 -25.40
CA ARG B 50 20.71 24.83 -25.75
C ARG B 50 20.16 25.60 -24.56
N LEU B 51 20.83 26.69 -24.19
CA LEU B 51 20.37 27.55 -23.10
C LEU B 51 19.38 28.57 -23.65
N ALA B 52 18.15 28.52 -23.17
CA ALA B 52 17.13 29.45 -23.61
C ALA B 52 17.36 30.84 -23.04
N ALA B 53 16.85 31.85 -23.75
CA ALA B 53 17.01 33.22 -23.28
C ALA B 53 16.12 33.57 -22.10
N SER B 54 15.08 32.80 -21.85
CA SER B 54 14.09 33.14 -20.83
C SER B 54 13.24 31.90 -20.56
N PRO B 55 12.49 31.88 -19.46
CA PRO B 55 11.55 30.76 -19.27
C PRO B 55 10.53 30.67 -20.39
N THR B 56 10.08 31.82 -20.89
CA THR B 56 9.13 31.81 -22.01
C THR B 56 9.72 31.13 -23.22
N GLU B 57 10.95 31.49 -23.60
CA GLU B 57 11.55 30.86 -24.77
C GLU B 57 11.78 29.37 -24.54
N ALA B 58 12.19 29.00 -23.32
CA ALA B 58 12.40 27.59 -23.00
C ALA B 58 11.11 26.79 -23.17
N VAL B 59 10.05 27.23 -22.51
CA VAL B 59 8.78 26.51 -22.52
C VAL B 59 8.25 26.40 -23.94
N ALA B 60 8.43 27.44 -24.74
CA ALA B 60 7.86 27.47 -26.09
C ALA B 60 8.66 26.68 -27.11
N SER B 61 9.82 26.13 -26.72
CA SER B 61 10.66 25.38 -27.63
C SER B 61 10.27 23.91 -27.78
N SER B 62 9.47 23.36 -26.87
CA SER B 62 9.18 21.92 -26.89
C SER B 62 7.74 21.68 -26.45
N ASP B 63 7.21 20.51 -26.82
CA ASP B 63 5.88 20.16 -26.34
C ASP B 63 5.90 19.51 -24.97
N LEU B 64 7.08 19.22 -24.43
CA LEU B 64 7.25 18.59 -23.12
C LEU B 64 8.21 19.45 -22.30
N VAL B 65 7.77 19.84 -21.10
CA VAL B 65 8.58 20.62 -20.17
C VAL B 65 8.75 19.79 -18.91
N ILE B 66 9.99 19.41 -18.61
CA ILE B 66 10.30 18.65 -17.40
C ILE B 66 10.84 19.61 -16.34
N LEU B 67 10.30 19.53 -15.12
CA LEU B 67 10.75 20.37 -14.02
C LEU B 67 11.33 19.50 -12.92
N SER B 68 12.53 19.86 -12.45
CA SER B 68 13.16 19.22 -11.30
C SER B 68 13.64 20.32 -10.35
N LEU B 69 12.79 20.73 -9.42
CA LEU B 69 13.02 21.88 -8.56
C LEU B 69 12.78 21.48 -7.11
N THR B 70 13.06 22.41 -6.19
CA THR B 70 13.01 22.08 -4.77
CA THR B 70 13.01 22.09 -4.76
C THR B 70 11.58 21.83 -4.30
N ASP B 71 10.61 22.57 -4.83
CA ASP B 71 9.22 22.41 -4.47
C ASP B 71 8.36 23.00 -5.58
N TYR B 72 7.03 22.90 -5.42
CA TYR B 72 6.14 23.38 -6.48
C TYR B 72 6.09 24.90 -6.50
N GLN B 73 6.33 25.56 -5.38
CA GLN B 73 6.38 27.02 -5.39
C GLN B 73 7.46 27.52 -6.35
N ALA B 74 8.57 26.80 -6.45
CA ALA B 74 9.61 27.16 -7.42
C ALA B 74 9.08 27.14 -8.84
N MET B 75 8.23 26.16 -9.17
CA MET B 75 7.63 26.13 -10.49
C MET B 75 6.81 27.39 -10.75
N TYR B 76 5.96 27.76 -9.79
CA TYR B 76 5.14 28.95 -9.98
C TYR B 76 5.99 30.21 -10.13
N ASP B 77 7.07 30.29 -9.35
CA ASP B 77 7.95 31.46 -9.44
C ASP B 77 8.65 31.53 -10.79
N ILE B 78 9.19 30.41 -11.25
CA ILE B 78 9.94 30.42 -12.52
C ILE B 78 9.01 30.66 -13.70
N LEU B 79 7.82 30.08 -13.68
CA LEU B 79 6.92 30.11 -14.83
C LEU B 79 5.94 31.29 -14.80
N SER B 80 6.08 32.21 -13.83
CA SER B 80 5.13 33.32 -13.74
C SER B 80 5.15 34.18 -15.01
N THR B 81 6.33 34.43 -15.55
CA THR B 81 6.45 35.23 -16.77
C THR B 81 6.20 34.43 -18.04
N ALA B 82 5.88 33.14 -17.92
CA ALA B 82 5.78 32.27 -19.08
C ALA B 82 4.41 31.62 -19.20
N GLU B 83 3.40 32.18 -18.53
CA GLU B 83 2.09 31.52 -18.51
C GLU B 83 1.45 31.51 -19.89
N SER B 84 1.69 32.55 -20.70
CA SER B 84 1.17 32.51 -22.07
C SER B 84 1.86 31.46 -22.93
N ALA B 85 3.09 31.07 -22.57
CA ALA B 85 3.80 30.06 -23.34
C ALA B 85 3.35 28.64 -23.02
N LEU B 86 2.56 28.44 -21.97
CA LEU B 86 2.22 27.09 -21.53
C LEU B 86 1.15 26.42 -22.39
N ALA B 87 0.38 27.17 -23.17
CA ALA B 87 -0.73 26.58 -23.89
C ALA B 87 -0.26 25.47 -24.82
N GLY B 88 -0.97 24.34 -24.77
CA GLY B 88 -0.73 23.20 -25.65
C GLY B 88 0.39 22.26 -25.24
N ARG B 89 1.06 22.52 -24.13
CA ARG B 89 2.22 21.74 -23.72
C ARG B 89 1.87 20.83 -22.56
N THR B 90 2.78 19.89 -22.31
CA THR B 90 2.68 19.00 -21.16
C THR B 90 3.80 19.33 -20.19
N ILE B 91 3.45 19.54 -18.93
CA ILE B 91 4.42 19.75 -17.86
C ILE B 91 4.54 18.44 -17.10
N VAL B 92 5.77 17.94 -16.97
CA VAL B 92 6.08 16.80 -16.09
C VAL B 92 6.90 17.36 -14.94
N ASN B 93 6.32 17.40 -13.75
CA ASN B 93 6.99 17.95 -12.58
C ASN B 93 7.44 16.80 -11.68
N LEU B 94 8.75 16.66 -11.54
CA LEU B 94 9.36 15.59 -10.73
C LEU B 94 9.78 16.08 -9.35
N SER B 95 9.32 17.26 -8.93
CA SER B 95 9.69 17.84 -7.65
C SER B 95 8.87 17.24 -6.52
N SER B 96 9.48 17.15 -5.34
CA SER B 96 8.79 16.64 -4.16
C SER B 96 7.84 17.70 -3.62
N ASP B 97 6.62 17.29 -3.28
CA ASP B 97 5.70 18.20 -2.59
C ASP B 97 4.51 17.39 -2.08
N ASP B 98 3.57 18.10 -1.47
CA ASP B 98 2.38 17.49 -0.90
C ASP B 98 1.45 17.01 -2.01
N PRO B 99 0.83 15.82 -1.86
CA PRO B 99 -0.10 15.35 -2.91
C PRO B 99 -1.17 16.38 -3.28
N ASP B 100 -1.80 17.02 -2.30
CA ASP B 100 -2.82 18.01 -2.62
C ASP B 100 -2.23 19.21 -3.35
N VAL B 101 -0.98 19.57 -3.08
CA VAL B 101 -0.32 20.64 -3.83
C VAL B 101 -0.18 20.25 -5.29
N THR B 102 0.18 18.98 -5.57
CA THR B 102 0.32 18.59 -6.96
C THR B 102 -1.05 18.54 -7.65
N ARG B 103 -2.12 18.24 -6.92
CA ARG B 103 -3.44 18.26 -7.54
C ARG B 103 -3.86 19.68 -7.92
N GLU B 104 -3.56 20.64 -7.06
CA GLU B 104 -3.85 22.03 -7.38
C GLU B 104 -3.05 22.50 -8.60
N ALA B 105 -1.86 21.96 -8.80
CA ALA B 105 -1.05 22.34 -9.96
C ALA B 105 -1.70 21.90 -11.26
N ALA B 106 -2.39 20.77 -11.26
CA ALA B 106 -3.09 20.35 -12.47
C ALA B 106 -4.20 21.32 -12.83
N LYS B 107 -4.87 21.88 -11.82
CA LYS B 107 -5.90 22.89 -12.06
C LYS B 107 -5.29 24.16 -12.65
N TRP B 108 -4.17 24.62 -12.08
CA TRP B 108 -3.44 25.77 -12.63
C TRP B 108 -2.99 25.51 -14.07
N ALA B 109 -2.49 24.31 -14.34
CA ALA B 109 -2.06 23.98 -15.70
C ALA B 109 -3.22 24.11 -16.68
N ALA B 110 -4.38 23.55 -16.31
CA ALA B 110 -5.55 23.65 -17.18
C ALA B 110 -5.94 25.11 -17.43
N LYS B 111 -5.88 25.94 -16.39
CA LYS B 111 -6.20 27.36 -16.54
C LYS B 111 -5.36 28.01 -17.64
N HIS B 112 -4.12 27.54 -17.82
CA HIS B 112 -3.22 28.08 -18.83
C HIS B 112 -3.09 27.18 -20.06
N GLY B 113 -3.97 26.19 -20.21
CA GLY B 113 -4.00 25.41 -21.42
C GLY B 113 -3.00 24.30 -21.51
N ALA B 114 -2.37 23.92 -20.40
CA ALA B 114 -1.36 22.87 -20.37
C ALA B 114 -1.92 21.59 -19.74
N THR B 115 -1.27 20.48 -20.06
CA THR B 115 -1.52 19.19 -19.45
C THR B 115 -0.46 18.96 -18.38
N PHE B 116 -0.84 18.28 -17.28
CA PHE B 116 0.06 18.18 -16.14
C PHE B 116 0.24 16.73 -15.69
N ILE B 117 1.50 16.30 -15.55
CA ILE B 117 1.83 14.98 -15.02
C ILE B 117 2.77 15.18 -13.84
N ALA B 118 2.45 14.57 -12.69
CA ALA B 118 3.36 14.59 -11.56
C ALA B 118 4.20 13.33 -11.56
N GLY B 119 5.48 13.48 -11.21
CA GLY B 119 6.39 12.36 -11.14
C GLY B 119 6.96 12.26 -9.74
N GLY B 120 7.30 11.04 -9.33
CA GLY B 120 7.92 10.81 -8.04
C GLY B 120 9.15 9.94 -8.19
N VAL B 121 10.33 10.52 -8.06
CA VAL B 121 11.58 9.84 -8.37
C VAL B 121 12.03 9.07 -7.15
N MET B 122 12.17 7.75 -7.30
CA MET B 122 12.48 6.88 -6.17
C MET B 122 13.96 6.58 -6.00
N THR B 123 14.77 6.77 -7.04
CA THR B 123 16.16 6.38 -7.04
C THR B 123 17.07 7.61 -7.20
N PRO B 124 18.33 7.51 -6.78
CA PRO B 124 19.22 8.68 -6.86
C PRO B 124 19.57 9.05 -8.30
N ALA B 125 20.11 10.27 -8.43
CA ALA B 125 20.45 10.79 -9.75
C ALA B 125 21.37 9.91 -10.57
N PRO B 126 22.41 9.26 -10.01
CA PRO B 126 23.24 8.37 -10.82
C PRO B 126 22.48 7.24 -11.50
N THR B 127 21.25 6.92 -11.07
CA THR B 127 20.48 5.85 -11.70
C THR B 127 19.73 6.32 -12.95
N VAL B 128 19.65 7.63 -13.20
CA VAL B 128 18.93 8.12 -14.37
C VAL B 128 19.50 7.50 -15.64
N GLY B 129 18.61 7.04 -16.51
CA GLY B 129 19.02 6.42 -17.75
C GLY B 129 19.49 4.99 -17.63
N THR B 130 19.43 4.41 -16.44
CA THR B 130 19.86 3.04 -16.20
C THR B 130 18.67 2.19 -15.79
N GLU B 131 18.92 0.89 -15.68
CA GLU B 131 17.87 -0.05 -15.29
C GLU B 131 17.49 0.09 -13.83
N ALA B 132 18.34 0.72 -13.02
CA ALA B 132 18.04 0.88 -11.60
C ALA B 132 16.99 1.96 -11.34
N ALA B 133 16.80 2.90 -12.27
CA ALA B 133 15.89 4.01 -12.05
C ALA B 133 14.44 3.55 -11.98
N TYR B 134 13.66 4.23 -11.16
CA TYR B 134 12.24 3.93 -10.94
CA TYR B 134 12.22 4.01 -11.20
C TYR B 134 11.51 5.24 -10.64
N VAL B 135 10.49 5.63 -11.41
CA VAL B 135 9.82 6.91 -11.23
C VAL B 135 8.31 6.70 -11.35
N PHE B 136 7.56 7.11 -10.34
CA PHE B 136 6.11 7.07 -10.41
C PHE B 136 5.61 8.25 -11.22
N TYR B 137 4.56 8.03 -12.01
CA TYR B 137 3.89 9.10 -12.74
C TYR B 137 2.38 9.04 -12.53
N SER B 138 1.75 10.22 -12.46
CA SER B 138 0.30 10.25 -12.36
C SER B 138 -0.21 11.50 -13.06
N GLY B 139 -1.37 11.37 -13.69
CA GLY B 139 -1.89 12.39 -14.58
C GLY B 139 -2.64 11.71 -15.71
N PRO B 140 -3.03 12.44 -16.75
CA PRO B 140 -3.79 11.80 -17.84
C PRO B 140 -2.97 10.69 -18.51
N LYS B 141 -3.58 9.52 -18.64
CA LYS B 141 -2.88 8.38 -19.23
C LYS B 141 -2.48 8.67 -20.68
N SER B 142 -3.33 9.39 -21.42
CA SER B 142 -2.99 9.70 -22.81
C SER B 142 -1.77 10.60 -22.89
N ALA B 143 -1.58 11.49 -21.91
CA ALA B 143 -0.38 12.33 -21.88
C ALA B 143 0.85 11.51 -21.53
N PHE B 144 0.74 10.64 -20.53
CA PHE B 144 1.82 9.71 -20.22
C PHE B 144 2.22 8.91 -21.46
N ASP B 145 1.22 8.38 -22.18
CA ASP B 145 1.51 7.56 -23.35
C ASP B 145 2.20 8.37 -24.44
N ALA B 146 1.77 9.63 -24.62
CA ALA B 146 2.33 10.46 -25.68
C ALA B 146 3.81 10.75 -25.44
N HIS B 147 4.23 10.79 -24.18
CA HIS B 147 5.60 11.13 -23.84
C HIS B 147 6.37 9.96 -23.26
N GLU B 148 5.79 8.76 -23.32
CA GLU B 148 6.45 7.58 -22.76
C GLU B 148 7.86 7.34 -23.29
N PRO B 149 8.18 7.55 -24.57
CA PRO B 149 9.58 7.40 -25.01
C PRO B 149 10.56 8.23 -24.20
N VAL B 150 10.26 9.50 -23.95
CA VAL B 150 11.14 10.33 -23.13
C VAL B 150 11.22 9.79 -21.71
N LEU B 151 10.07 9.48 -21.12
CA LEU B 151 10.06 9.00 -19.74
C LEU B 151 10.77 7.65 -19.62
N ARG B 152 10.67 6.80 -20.65
CA ARG B 152 11.39 5.54 -20.65
C ARG B 152 12.91 5.77 -20.62
N HIS B 153 13.38 6.78 -21.35
CA HIS B 153 14.81 7.07 -21.37
C HIS B 153 15.30 7.56 -20.01
N ILE B 154 14.46 8.32 -19.28
CA ILE B 154 14.82 8.73 -17.93
C ILE B 154 14.98 7.50 -17.03
N GLY B 155 14.11 6.52 -17.20
CA GLY B 155 14.31 5.28 -16.47
C GLY B 155 13.08 4.86 -15.68
N GLY B 156 12.69 3.60 -15.90
CA GLY B 156 11.70 2.90 -15.10
C GLY B 156 10.41 3.63 -14.79
N PRO B 157 9.72 4.16 -15.81
CA PRO B 157 8.45 4.85 -15.53
C PRO B 157 7.37 3.87 -15.10
N ARG B 158 6.60 4.28 -14.11
CA ARG B 158 5.51 3.46 -13.57
CA ARG B 158 5.51 3.46 -13.56
C ARG B 158 4.26 4.33 -13.48
N PHE B 159 3.34 4.18 -14.43
CA PHE B 159 2.11 4.96 -14.43
C PHE B 159 1.17 4.44 -13.35
N LEU B 160 0.70 5.32 -12.48
CA LEU B 160 -0.14 4.93 -11.35
C LEU B 160 -1.62 5.21 -11.52
N GLY B 161 -2.00 6.12 -12.40
CA GLY B 161 -3.41 6.49 -12.46
C GLY B 161 -3.59 7.95 -12.77
N GLU B 162 -4.84 8.38 -12.95
CA GLU B 162 -5.12 9.72 -13.44
C GLU B 162 -5.48 10.71 -12.33
N ASP B 163 -5.42 10.29 -11.07
CA ASP B 163 -5.36 11.23 -9.94
C ASP B 163 -3.94 11.77 -9.86
N THR B 164 -3.79 13.08 -10.14
CA THR B 164 -2.47 13.71 -10.16
C THR B 164 -1.65 13.45 -8.91
N GLY B 165 -2.30 13.38 -7.76
CA GLY B 165 -1.59 13.30 -6.50
C GLY B 165 -0.98 11.96 -6.16
N LEU B 166 -1.16 10.94 -7.00
CA LEU B 166 -0.72 9.59 -6.64
C LEU B 166 0.81 9.47 -6.62
N ALA B 167 1.51 10.12 -7.55
CA ALA B 167 2.97 9.93 -7.61
C ALA B 167 3.64 10.38 -6.30
N GLN B 168 3.27 11.57 -5.80
CA GLN B 168 3.88 12.02 -4.56
C GLN B 168 3.36 11.26 -3.35
N LEU B 169 2.10 10.83 -3.41
CA LEU B 169 1.55 10.01 -2.33
C LEU B 169 2.32 8.69 -2.20
N TYR B 170 2.50 7.96 -3.31
CA TYR B 170 3.28 6.72 -3.27
C TYR B 170 4.70 6.99 -2.79
N TYR B 171 5.32 8.06 -3.31
CA TYR B 171 6.66 8.45 -2.86
C TYR B 171 6.70 8.60 -1.35
N LEU B 172 5.74 9.35 -0.79
CA LEU B 172 5.74 9.60 0.64
C LEU B 172 5.45 8.33 1.44
N ALA B 173 4.60 7.45 0.92
CA ALA B 173 4.30 6.22 1.64
C ALA B 173 5.51 5.29 1.67
N HIS B 174 6.29 5.23 0.59
CA HIS B 174 7.54 4.48 0.63
C HIS B 174 8.47 5.06 1.70
N LEU B 175 8.61 6.39 1.73
CA LEU B 175 9.52 7.02 2.69
C LEU B 175 8.99 6.91 4.11
N ASP B 176 7.66 6.78 4.27
CA ASP B 176 7.06 6.54 5.57
C ASP B 176 7.65 5.26 6.20
N VAL B 177 7.73 4.19 5.41
CA VAL B 177 8.35 2.95 5.89
C VAL B 177 9.83 3.17 6.21
N PHE B 178 10.54 3.79 5.27
CA PHE B 178 11.98 3.99 5.37
C PHE B 178 12.35 4.78 6.62
N LEU B 179 11.78 5.98 6.78
CA LEU B 179 12.15 6.83 7.90
C LEU B 179 11.77 6.22 9.24
N THR B 180 10.61 5.58 9.31
CA THR B 180 10.14 5.06 10.60
C THR B 180 10.96 3.84 11.01
N THR B 181 11.26 2.97 10.03
CA THR B 181 12.10 1.81 10.30
C THR B 181 13.49 2.23 10.76
N LEU B 182 14.08 3.22 10.07
CA LEU B 182 15.39 3.72 10.47
C LEU B 182 15.37 4.30 11.88
N ALA B 183 14.30 5.05 12.23
CA ALA B 183 14.21 5.61 13.58
C ALA B 183 14.14 4.51 14.63
N SER B 184 13.47 3.39 14.32
CA SER B 184 13.39 2.31 15.30
C SER B 184 14.75 1.69 15.56
N VAL B 185 15.62 1.63 14.55
CA VAL B 185 16.95 1.05 14.71
C VAL B 185 17.75 1.86 15.71
N VAL B 186 17.72 3.19 15.56
CA VAL B 186 18.44 4.06 16.46
CA VAL B 186 18.47 4.04 16.46
C VAL B 186 17.81 4.07 17.85
N HIS B 187 16.48 3.98 17.92
CA HIS B 187 15.83 3.97 19.22
C HIS B 187 16.15 2.69 19.99
N ALA B 188 16.08 1.54 19.32
CA ALA B 188 16.41 0.27 19.97
C ALA B 188 17.85 0.27 20.48
N THR B 189 18.77 0.82 19.68
CA THR B 189 20.17 0.86 20.08
C THR B 189 20.34 1.75 21.31
N ALA B 190 19.61 2.87 21.38
CA ALA B 190 19.66 3.72 22.57
C ALA B 190 19.10 3.00 23.80
N LEU B 191 18.04 2.21 23.62
CA LEU B 191 17.48 1.46 24.74
C LEU B 191 18.53 0.55 25.37
N VAL B 192 19.34 -0.11 24.52
CA VAL B 192 20.34 -1.06 25.00
C VAL B 192 21.57 -0.32 25.52
N SER B 193 21.95 0.77 24.87
CA SER B 193 23.09 1.56 25.34
C SER B 193 22.85 2.11 26.74
N ALA B 194 21.60 2.50 27.04
CA ALA B 194 21.29 3.01 28.36
C ALA B 194 21.57 2.00 29.46
N ALA B 195 21.58 0.70 29.12
CA ALA B 195 21.88 -0.36 30.08
C ALA B 195 23.34 -0.78 30.07
N GLY B 196 24.20 -0.06 29.37
CA GLY B 196 25.62 -0.32 29.42
C GLY B 196 26.20 -1.15 28.29
N VAL B 197 25.39 -1.56 27.34
CA VAL B 197 25.89 -2.30 26.18
C VAL B 197 26.30 -1.30 25.10
N ASP B 198 27.50 -1.45 24.58
CA ASP B 198 28.04 -0.51 23.63
C ASP B 198 27.26 -0.53 22.32
N GLU B 199 27.15 0.65 21.69
CA GLU B 199 26.44 0.75 20.42
C GLU B 199 27.11 -0.06 19.32
N ALA B 200 28.44 -0.22 19.36
CA ALA B 200 29.09 -1.09 18.38
C ALA B 200 28.68 -2.54 18.56
N ALA B 201 28.27 -2.92 19.76
CA ALA B 201 27.80 -4.29 19.98
C ALA B 201 26.37 -4.47 19.51
N PHE B 202 25.51 -3.47 19.73
CA PHE B 202 24.09 -3.72 19.49
C PHE B 202 23.58 -3.20 18.16
N ALA B 203 24.14 -2.11 17.62
CA ALA B 203 23.63 -1.64 16.32
C ALA B 203 23.58 -2.76 15.28
N PRO B 204 24.57 -3.65 15.16
CA PRO B 204 24.41 -4.75 14.20
C PRO B 204 23.24 -5.68 14.51
N GLU B 205 22.84 -5.83 15.78
CA GLU B 205 21.67 -6.65 16.09
C GLU B 205 20.40 -5.96 15.61
N ALA B 206 20.32 -4.65 15.81
CA ALA B 206 19.14 -3.91 15.36
C ALA B 206 19.01 -3.95 13.85
N ILE B 207 20.13 -3.87 13.14
CA ILE B 207 20.12 -3.98 11.69
C ILE B 207 19.66 -5.38 11.27
N ARG B 208 20.21 -6.42 11.90
CA ARG B 208 19.75 -7.76 11.59
C ARG B 208 18.25 -7.90 11.82
N MET B 209 17.71 -7.22 12.84
CA MET B 209 16.28 -7.34 13.11
C MET B 209 15.46 -6.71 11.98
N VAL B 210 15.92 -5.61 11.39
CA VAL B 210 15.22 -5.07 10.21
C VAL B 210 15.16 -6.12 9.10
N ILE B 211 16.30 -6.74 8.81
CA ILE B 211 16.36 -7.76 7.75
C ILE B 211 15.43 -8.92 8.07
N GLU B 212 15.46 -9.40 9.31
CA GLU B 212 14.56 -10.50 9.69
C GLU B 212 13.10 -10.07 9.62
N THR B 213 12.80 -8.82 9.96
CA THR B 213 11.42 -8.38 9.88
C THR B 213 10.94 -8.42 8.44
N GLY B 214 11.76 -7.92 7.51
CA GLY B 214 11.41 -8.00 6.10
C GLY B 214 11.23 -9.43 5.63
N GLN B 215 12.13 -10.32 6.05
CA GLN B 215 12.04 -11.72 5.66
C GLN B 215 10.73 -12.33 6.17
N MET B 216 10.38 -12.06 7.43
CA MET B 216 9.19 -12.68 8.01
C MET B 216 7.93 -12.13 7.37
N LEU B 217 7.94 -10.84 7.03
CA LEU B 217 6.81 -10.25 6.34
C LEU B 217 6.65 -10.83 4.93
N ALA B 218 7.77 -11.10 4.26
CA ALA B 218 7.71 -11.65 2.90
C ALA B 218 7.25 -13.10 2.88
N ALA B 219 7.38 -13.81 4.00
CA ALA B 219 7.04 -15.23 4.04
C ALA B 219 5.76 -15.47 4.82
N GLU B 220 4.66 -14.81 4.40
CA GLU B 220 3.48 -14.67 5.24
C GLU B 220 2.93 -16.03 5.69
N ALA B 221 2.78 -16.98 4.78
CA ALA B 221 2.23 -18.28 5.15
C ALA B 221 3.12 -18.97 6.18
N GLU B 222 4.43 -18.90 5.98
CA GLU B 222 5.39 -19.58 6.83
C GLU B 222 5.43 -19.00 8.24
N THR B 223 5.20 -17.70 8.38
CA THR B 223 5.35 -17.02 9.68
C THR B 223 4.03 -16.62 10.32
N GLY B 224 2.93 -16.63 9.57
CA GLY B 224 1.67 -16.15 10.09
C GLY B 224 1.48 -14.65 10.05
N LEU B 225 2.47 -13.89 9.57
CA LEU B 225 2.32 -12.44 9.44
C LEU B 225 1.54 -12.17 8.16
N GLU B 226 0.24 -11.90 8.29
CA GLU B 226 -0.64 -11.83 7.13
C GLU B 226 -1.02 -10.39 6.82
N LEU B 227 -0.02 -9.54 6.59
CA LEU B 227 -0.26 -8.10 6.41
C LEU B 227 -1.20 -7.82 5.24
N GLY B 228 -0.81 -8.26 4.05
CA GLY B 228 -1.61 -7.96 2.86
C GLY B 228 -2.98 -8.58 2.91
N ARG B 229 -3.06 -9.86 3.30
CA ARG B 229 -4.35 -10.54 3.32
C ARG B 229 -5.32 -9.85 4.28
N ASN B 230 -4.86 -9.54 5.50
CA ASN B 230 -5.78 -8.98 6.49
C ASN B 230 -6.16 -7.54 6.16
N LEU B 231 -5.19 -6.73 5.74
CA LEU B 231 -5.52 -5.34 5.38
C LEU B 231 -6.45 -5.30 4.19
N ALA B 232 -6.23 -6.17 3.20
CA ALA B 232 -7.10 -6.19 2.03
C ALA B 232 -8.49 -6.76 2.34
N SER B 233 -8.57 -7.77 3.22
CA SER B 233 -9.88 -8.35 3.52
C SER B 233 -10.66 -7.58 4.58
N GLY B 234 -9.97 -6.82 5.44
CA GLY B 234 -10.62 -6.25 6.61
C GLY B 234 -10.92 -7.25 7.71
N ASN B 235 -10.33 -8.44 7.64
CA ASN B 235 -10.53 -9.47 8.64
C ASN B 235 -9.18 -9.77 9.27
N HIS B 236 -9.12 -9.89 10.60
CA HIS B 236 -7.85 -9.86 11.34
C HIS B 236 -7.78 -11.01 12.33
N PRO B 237 -7.67 -12.25 11.86
CA PRO B 237 -7.62 -13.42 12.78
C PRO B 237 -6.39 -13.35 13.66
N GLY B 238 -6.60 -13.44 14.98
CA GLY B 238 -5.52 -13.24 15.92
C GLY B 238 -4.96 -14.49 16.58
N GLU B 239 -5.29 -15.69 16.08
CA GLU B 239 -4.98 -16.90 16.84
CA GLU B 239 -4.98 -16.95 16.76
C GLU B 239 -3.48 -17.14 16.99
N LEU B 240 -2.63 -16.55 16.14
CA LEU B 240 -1.19 -16.78 16.29
C LEU B 240 -0.45 -15.67 17.03
N ALA B 241 -1.09 -14.52 17.22
CA ALA B 241 -0.48 -13.36 17.87
C ALA B 241 -1.54 -12.29 18.01
N THR B 242 -1.99 -12.03 19.22
CA THR B 242 -3.05 -11.04 19.42
C THR B 242 -2.50 -9.62 19.60
N ALA B 243 -3.37 -8.65 19.34
CA ALA B 243 -3.03 -7.25 19.60
C ALA B 243 -2.81 -6.99 21.07
N VAL B 244 -3.56 -7.68 21.93
CA VAL B 244 -3.36 -7.45 23.36
CA VAL B 244 -3.40 -7.50 23.37
C VAL B 244 -2.03 -8.02 23.83
N MET B 245 -1.57 -9.12 23.23
CA MET B 245 -0.25 -9.64 23.58
C MET B 245 0.85 -8.70 23.10
N MET B 246 0.73 -8.22 21.87
CA MET B 246 1.77 -7.35 21.33
C MET B 246 1.69 -5.97 21.95
N GLY B 247 0.49 -5.52 22.31
CA GLY B 247 0.35 -4.29 23.04
C GLY B 247 1.00 -4.33 24.41
N ALA B 248 1.00 -5.51 25.02
CA ALA B 248 1.72 -5.64 26.29
C ALA B 248 3.20 -5.38 26.08
N THR B 249 3.79 -5.97 25.02
CA THR B 249 5.20 -5.69 24.72
C THR B 249 5.42 -4.21 24.43
N ALA B 250 4.50 -3.59 23.69
CA ALA B 250 4.64 -2.15 23.46
C ALA B 250 4.66 -1.38 24.80
N ASP B 251 3.83 -1.80 25.76
CA ASP B 251 3.87 -1.21 27.10
C ASP B 251 5.23 -1.45 27.78
N HIS B 252 5.76 -2.67 27.65
CA HIS B 252 7.03 -2.98 28.29
C HIS B 252 8.17 -2.15 27.72
N ILE B 253 8.15 -1.91 26.41
CA ILE B 253 9.17 -1.08 25.80
C ILE B 253 9.08 0.35 26.34
N VAL B 254 7.87 0.89 26.45
CA VAL B 254 7.69 2.23 27.02
C VAL B 254 8.21 2.28 28.44
N SER B 255 7.87 1.26 29.23
CA SER B 255 8.34 1.18 30.62
C SER B 255 9.87 1.12 30.68
N ALA B 256 10.49 0.27 29.85
CA ALA B 256 11.94 0.20 29.82
C ALA B 256 12.56 1.54 29.45
N ALA B 257 12.02 2.20 28.41
CA ALA B 257 12.56 3.48 27.98
C ALA B 257 12.38 4.55 29.05
N LYS B 258 11.19 4.60 29.66
CA LYS B 258 10.94 5.58 30.72
C LYS B 258 11.89 5.37 31.89
N GLY B 259 12.09 4.11 32.29
CA GLY B 259 12.99 3.77 33.37
C GLY B 259 14.45 4.08 33.13
N SER B 260 14.85 4.27 31.88
CA SER B 260 16.26 4.50 31.57
C SER B 260 16.53 5.84 30.89
N GLY B 261 15.55 6.74 30.85
CA GLY B 261 15.79 8.07 30.32
C GLY B 261 15.92 8.15 28.81
N VAL B 262 15.39 7.17 28.09
CA VAL B 262 15.45 7.14 26.62
C VAL B 262 14.17 7.79 26.09
N ASP B 263 14.29 8.55 25.01
CA ASP B 263 13.17 9.35 24.52
C ASP B 263 11.96 8.48 24.23
N LEU B 264 10.77 8.98 24.58
CA LEU B 264 9.56 8.18 24.58
C LEU B 264 8.64 8.35 23.37
N VAL B 265 8.84 9.36 22.51
CA VAL B 265 7.78 9.67 21.54
CA VAL B 265 7.82 9.69 21.52
C VAL B 265 7.57 8.51 20.58
N LEU B 266 8.64 7.82 20.17
CA LEU B 266 8.45 6.75 19.20
C LEU B 266 7.78 5.53 19.83
N PRO B 267 8.27 4.98 20.95
CA PRO B 267 7.53 3.85 21.54
C PRO B 267 6.15 4.21 22.06
N GLU B 268 5.92 5.46 22.50
CA GLU B 268 4.56 5.84 22.92
CA GLU B 268 4.56 5.80 22.93
C GLU B 268 3.61 5.86 21.75
N ALA B 269 4.09 6.18 20.55
CA ALA B 269 3.21 6.15 19.38
C ALA B 269 2.78 4.72 19.08
N VAL B 270 3.71 3.78 19.18
CA VAL B 270 3.37 2.37 18.97
C VAL B 270 2.39 1.91 20.05
N LYS B 271 2.64 2.26 21.31
CA LYS B 271 1.73 1.91 22.39
C LYS B 271 0.35 2.52 22.17
N SER B 272 0.30 3.76 21.68
CA SER B 272 -0.99 4.40 21.38
C SER B 272 -1.79 3.60 20.36
N LEU B 273 -1.12 3.12 19.30
CA LEU B 273 -1.79 2.31 18.29
C LEU B 273 -2.37 1.02 18.90
N TYR B 274 -1.57 0.30 19.69
CA TYR B 274 -2.09 -0.92 20.29
C TYR B 274 -3.18 -0.63 21.31
N ASP B 275 -3.00 0.39 22.15
CA ASP B 275 -4.01 0.74 23.15
C ASP B 275 -5.36 0.97 22.50
N ARG B 276 -5.37 1.76 21.43
CA ARG B 276 -6.64 2.08 20.79
C ARG B 276 -7.20 0.88 20.02
N THR B 277 -6.33 0.01 19.50
CA THR B 277 -6.81 -1.20 18.86
C THR B 277 -7.54 -2.10 19.86
N VAL B 278 -6.96 -2.27 21.04
CA VAL B 278 -7.59 -3.05 22.10
C VAL B 278 -8.87 -2.37 22.57
N ALA B 279 -8.84 -1.06 22.74
CA ALA B 279 -10.02 -0.35 23.25
C ALA B 279 -11.18 -0.40 22.26
N ALA B 280 -10.90 -0.58 20.97
CA ALA B 280 -11.95 -0.69 19.96
C ALA B 280 -12.54 -2.08 19.87
N GLY B 281 -12.12 -3.01 20.73
CA GLY B 281 -12.65 -4.36 20.73
C GLY B 281 -11.86 -5.37 19.94
N HIS B 282 -10.66 -5.01 19.48
CA HIS B 282 -9.85 -5.87 18.63
C HIS B 282 -8.73 -6.57 19.40
N GLY B 283 -8.84 -6.64 20.73
CA GLY B 283 -7.74 -7.16 21.52
C GLY B 283 -7.35 -8.58 21.17
N LYS B 284 -8.33 -9.42 20.81
CA LYS B 284 -8.06 -10.81 20.45
C LYS B 284 -7.80 -10.99 18.96
N ASP B 285 -7.87 -9.91 18.19
CA ASP B 285 -7.55 -9.98 16.78
C ASP B 285 -6.05 -9.78 16.56
N SER B 286 -5.63 -9.97 15.32
CA SER B 286 -4.24 -9.78 14.94
C SER B 286 -3.80 -8.34 15.16
N TRP B 287 -2.49 -8.15 15.31
CA TRP B 287 -1.90 -6.82 15.26
C TRP B 287 -2.31 -6.05 14.01
N THR B 288 -2.61 -6.76 12.92
CA THR B 288 -3.01 -6.06 11.69
C THR B 288 -4.28 -5.24 11.88
N ALA B 289 -5.07 -5.55 12.93
CA ALA B 289 -6.29 -4.80 13.21
C ALA B 289 -6.03 -3.35 13.58
N MET B 290 -4.79 -2.95 13.87
CA MET B 290 -4.54 -1.54 14.06
C MET B 290 -4.80 -0.75 12.78
N TYR B 291 -4.82 -1.43 11.63
CA TYR B 291 -5.23 -0.78 10.39
C TYR B 291 -6.61 -0.11 10.53
N GLU B 292 -7.51 -0.73 11.28
CA GLU B 292 -8.86 -0.19 11.41
C GLU B 292 -8.87 1.10 12.23
N ILE B 293 -7.87 1.30 13.09
CA ILE B 293 -7.68 2.55 13.82
C ILE B 293 -6.95 3.58 12.97
N ILE B 294 -5.98 3.13 12.16
CA ILE B 294 -5.13 4.07 11.41
C ILE B 294 -5.85 4.62 10.18
N LYS B 295 -6.66 3.79 9.52
CA LYS B 295 -7.14 4.09 8.19
C LYS B 295 -8.10 5.27 8.21
N LYS B 296 -8.25 5.91 7.04
CA LYS B 296 -9.27 6.93 6.86
C LYS B 296 -10.65 6.37 7.22
N LYS B 297 -11.41 7.14 7.99
CA LYS B 297 -12.74 6.70 8.42
C LYS B 297 -13.63 6.36 7.24
N LYS C 4 12.32 -42.17 29.25
CA LYS C 4 13.71 -41.93 29.62
C LYS C 4 14.08 -40.45 29.50
N LYS C 5 13.44 -39.77 28.54
CA LYS C 5 13.69 -38.35 28.36
C LYS C 5 13.16 -37.57 29.55
N SER C 6 13.83 -36.47 29.87
CA SER C 6 13.50 -35.73 31.07
C SER C 6 12.12 -35.11 30.96
N PRO C 7 11.35 -35.10 32.04
CA PRO C 7 10.04 -34.43 32.04
C PRO C 7 10.21 -32.92 31.96
N VAL C 8 9.24 -32.27 31.32
CA VAL C 8 9.17 -30.82 31.22
C VAL C 8 7.76 -30.40 31.58
N THR C 9 7.64 -29.29 32.31
CA THR C 9 6.36 -28.65 32.57
C THR C 9 6.30 -27.36 31.77
N LEU C 10 5.17 -27.11 31.12
CA LEU C 10 4.97 -25.83 30.44
C LEU C 10 3.62 -25.27 30.86
N ILE C 11 3.62 -24.03 31.31
CA ILE C 11 2.41 -23.34 31.75
C ILE C 11 2.19 -22.15 30.84
N GLY C 12 1.00 -22.06 30.25
CA GLY C 12 0.66 -20.99 29.33
C GLY C 12 0.53 -21.52 27.93
N LEU C 13 -0.72 -21.74 27.49
CA LEU C 13 -0.97 -22.47 26.26
C LEU C 13 -1.59 -21.54 25.22
N GLY C 14 -1.02 -20.36 25.06
CA GLY C 14 -1.25 -19.58 23.86
C GLY C 14 -0.53 -20.22 22.70
N PRO C 15 -0.46 -19.53 21.55
CA PRO C 15 0.15 -20.16 20.38
C PRO C 15 1.63 -20.51 20.57
N MET C 16 2.38 -19.72 21.35
CA MET C 16 3.78 -20.05 21.58
C MET C 16 3.90 -21.28 22.46
N GLY C 17 3.16 -21.32 23.56
CA GLY C 17 3.22 -22.46 24.44
C GLY C 17 2.78 -23.74 23.74
N GLN C 18 1.70 -23.64 22.96
CA GLN C 18 1.25 -24.80 22.17
C GLN C 18 2.34 -25.31 21.25
N ALA C 19 3.01 -24.40 20.53
CA ALA C 19 4.06 -24.82 19.60
C ALA C 19 5.23 -25.44 20.34
N MET C 20 5.59 -24.87 21.50
CA MET C 20 6.69 -25.44 22.28
C MET C 20 6.34 -26.82 22.81
N VAL C 21 5.13 -27.01 23.31
CA VAL C 21 4.72 -28.33 23.78
C VAL C 21 4.77 -29.35 22.65
N ARG C 22 4.29 -28.97 21.46
CA ARG C 22 4.29 -29.91 20.35
C ARG C 22 5.71 -30.24 19.92
N THR C 23 6.61 -29.27 19.96
CA THR C 23 8.01 -29.55 19.68
C THR C 23 8.59 -30.53 20.69
N LEU C 24 8.35 -30.28 21.98
CA LEU C 24 8.93 -31.12 23.02
C LEU C 24 8.32 -32.51 23.04
N LEU C 25 7.00 -32.63 22.77
CA LEU C 25 6.41 -33.95 22.57
C LEU C 25 7.05 -34.68 21.40
N GLY C 26 7.25 -33.99 20.28
CA GLY C 26 7.88 -34.61 19.12
C GLY C 26 9.30 -35.07 19.39
N GLN C 27 9.99 -34.40 20.33
CA GLN C 27 11.32 -34.81 20.75
C GLN C 27 11.31 -35.99 21.71
N GLY C 28 10.13 -36.43 22.15
CA GLY C 28 10.03 -37.60 23.02
C GLY C 28 9.93 -37.30 24.50
N HIS C 29 9.87 -36.04 24.89
CA HIS C 29 9.78 -35.69 26.30
C HIS C 29 8.36 -35.84 26.81
N PRO C 30 8.18 -36.36 28.03
CA PRO C 30 6.87 -36.27 28.67
C PRO C 30 6.62 -34.84 29.13
N VAL C 31 5.51 -34.26 28.71
CA VAL C 31 5.24 -32.84 28.96
C VAL C 31 3.97 -32.74 29.79
N THR C 32 4.07 -32.06 30.94
CA THR C 32 2.95 -31.73 31.79
C THR C 32 2.56 -30.27 31.55
N VAL C 33 1.28 -30.01 31.32
CA VAL C 33 0.86 -28.65 31.01
C VAL C 33 -0.18 -28.18 32.01
N TRP C 34 -0.31 -26.85 32.12
CA TRP C 34 -1.41 -26.24 32.84
C TRP C 34 -1.75 -24.93 32.16
N ASN C 35 -3.04 -24.56 32.21
CA ASN C 35 -3.51 -23.32 31.61
C ASN C 35 -4.64 -22.71 32.44
N ARG C 36 -4.71 -21.38 32.42
CA ARG C 36 -5.84 -20.69 33.05
C ARG C 36 -7.16 -21.20 32.51
N THR C 37 -7.23 -21.44 31.19
CA THR C 37 -8.39 -21.96 30.50
C THR C 37 -8.13 -23.42 30.13
N PRO C 38 -8.65 -24.39 30.88
CA PRO C 38 -8.19 -25.77 30.68
C PRO C 38 -8.58 -26.35 29.32
N SER C 39 -9.64 -25.85 28.70
CA SER C 39 -10.06 -26.41 27.41
C SER C 39 -8.98 -26.26 26.36
N ARG C 40 -8.13 -25.22 26.48
CA ARG C 40 -7.08 -25.03 25.50
C ARG C 40 -6.08 -26.16 25.50
N ALA C 41 -5.99 -26.93 26.59
CA ALA C 41 -5.06 -28.05 26.64
C ALA C 41 -5.58 -29.28 25.91
N GLU C 42 -6.88 -29.35 25.62
CA GLU C 42 -7.47 -30.59 25.10
C GLU C 42 -6.75 -31.17 23.89
N PRO C 43 -6.41 -30.39 22.85
CA PRO C 43 -5.68 -31.01 21.72
C PRO C 43 -4.30 -31.51 22.10
N LEU C 44 -3.58 -30.77 22.97
CA LEU C 44 -2.27 -31.23 23.40
C LEU C 44 -2.36 -32.52 24.19
N VAL C 45 -3.42 -32.67 25.00
CA VAL C 45 -3.62 -33.92 25.74
C VAL C 45 -3.85 -35.08 24.77
N VAL C 46 -4.67 -34.85 23.73
CA VAL C 46 -4.85 -35.86 22.69
C VAL C 46 -3.50 -36.26 22.10
N GLU C 47 -2.61 -35.28 21.93
CA GLU C 47 -1.32 -35.52 21.29
C GLU C 47 -0.27 -36.07 22.25
N GLY C 48 -0.58 -36.20 23.54
CA GLY C 48 0.33 -36.87 24.44
C GLY C 48 0.73 -36.12 25.69
N ALA C 49 0.39 -34.83 25.77
CA ALA C 49 0.65 -34.08 26.99
C ALA C 49 -0.27 -34.53 28.12
N ARG C 50 0.17 -34.32 29.35
CA ARG C 50 -0.64 -34.59 30.52
CA ARG C 50 -0.64 -34.59 30.52
C ARG C 50 -1.10 -33.28 31.15
N LEU C 51 -2.41 -33.14 31.34
CA LEU C 51 -2.95 -31.94 31.95
C LEU C 51 -2.86 -32.05 33.47
N ALA C 52 -2.08 -31.16 34.09
CA ALA C 52 -1.95 -31.14 35.54
C ALA C 52 -3.26 -30.72 36.19
N ALA C 53 -3.50 -31.24 37.40
CA ALA C 53 -4.69 -30.86 38.15
C ALA C 53 -4.63 -29.45 38.71
N SER C 54 -3.44 -28.87 38.85
CA SER C 54 -3.28 -27.56 39.49
C SER C 54 -1.90 -27.03 39.14
N PRO C 55 -1.68 -25.72 39.32
CA PRO C 55 -0.31 -25.20 39.17
C PRO C 55 0.67 -25.89 40.10
N THR C 56 0.27 -26.19 41.34
CA THR C 56 1.15 -26.90 42.26
C THR C 56 1.59 -28.23 41.68
N GLU C 57 0.64 -29.02 41.18
CA GLU C 57 1.03 -30.31 40.63
C GLU C 57 1.89 -30.15 39.38
N ALA C 58 1.56 -29.16 38.55
CA ALA C 58 2.34 -28.94 37.32
C ALA C 58 3.79 -28.64 37.66
N VAL C 59 4.01 -27.62 38.50
CA VAL C 59 5.35 -27.19 38.87
C VAL C 59 6.13 -28.33 39.48
N ALA C 60 5.50 -29.12 40.34
CA ALA C 60 6.17 -30.20 41.05
C ALA C 60 6.42 -31.44 40.19
N SER C 61 5.96 -31.47 38.94
CA SER C 61 6.13 -32.65 38.11
C SER C 61 7.46 -32.69 37.36
N SER C 62 8.20 -31.59 37.34
CA SER C 62 9.40 -31.52 36.52
C SER C 62 10.40 -30.57 37.17
N ASP C 63 11.68 -30.80 36.89
CA ASP C 63 12.72 -29.88 37.33
C ASP C 63 12.82 -28.66 36.43
N LEU C 64 12.28 -28.73 35.23
CA LEU C 64 12.27 -27.61 34.29
C LEU C 64 10.83 -27.16 34.10
N VAL C 65 10.58 -25.88 34.39
CA VAL C 65 9.24 -25.30 34.29
C VAL C 65 9.33 -24.12 33.35
N ILE C 66 8.74 -24.26 32.16
CA ILE C 66 8.73 -23.19 31.16
C ILE C 66 7.43 -22.42 31.28
N LEU C 67 7.51 -21.09 31.31
CA LEU C 67 6.32 -20.24 31.34
C LEU C 67 6.20 -19.47 30.04
N SER C 68 5.01 -19.49 29.44
CA SER C 68 4.76 -18.76 28.19
C SER C 68 3.46 -17.97 28.38
N LEU C 69 3.57 -16.78 28.93
CA LEU C 69 2.41 -16.00 29.36
C LEU C 69 2.51 -14.57 28.84
N THR C 70 1.40 -13.84 28.89
CA THR C 70 1.38 -12.50 28.28
C THR C 70 2.32 -11.54 28.98
N ASP C 71 2.47 -11.64 30.30
CA ASP C 71 3.42 -10.81 31.03
C ASP C 71 3.75 -11.51 32.34
N TYR C 72 4.56 -10.85 33.17
CA TYR C 72 4.98 -11.48 34.43
C TYR C 72 3.88 -11.43 35.48
N GLN C 73 2.98 -10.46 35.42
CA GLN C 73 1.85 -10.47 36.35
C GLN C 73 1.06 -11.77 36.24
N ALA C 74 0.93 -12.30 35.02
CA ALA C 74 0.26 -13.59 34.86
C ALA C 74 1.00 -14.69 35.60
N MET C 75 2.34 -14.65 35.64
CA MET C 75 3.09 -15.66 36.39
C MET C 75 2.74 -15.62 37.87
N TYR C 76 2.71 -14.42 38.44
CA TYR C 76 2.33 -14.28 39.84
C TYR C 76 0.89 -14.73 40.07
N ASP C 77 -0.02 -14.38 39.14
CA ASP C 77 -1.41 -14.81 39.26
C ASP C 77 -1.51 -16.34 39.33
N ILE C 78 -0.73 -17.04 38.52
CA ILE C 78 -0.83 -18.50 38.47
C ILE C 78 -0.11 -19.15 39.65
N LEU C 79 1.08 -18.65 39.99
CA LEU C 79 1.97 -19.36 40.90
C LEU C 79 1.88 -18.87 42.34
N SER C 80 1.07 -17.84 42.62
CA SER C 80 0.81 -17.44 44.00
C SER C 80 0.40 -18.64 44.85
N THR C 81 -0.58 -19.40 44.38
CA THR C 81 -1.06 -20.60 45.04
C THR C 81 -0.07 -21.75 45.04
N ALA C 82 1.09 -21.61 44.39
CA ALA C 82 2.00 -22.74 44.20
C ALA C 82 3.41 -22.47 44.71
N GLU C 83 3.58 -21.45 45.56
CA GLU C 83 4.93 -21.09 46.01
C GLU C 83 5.60 -22.23 46.74
N SER C 84 4.84 -23.06 47.46
CA SER C 84 5.45 -24.21 48.14
C SER C 84 6.06 -25.21 47.17
N ALA C 85 5.61 -25.24 45.93
CA ALA C 85 6.12 -26.22 44.97
C ALA C 85 7.37 -25.77 44.24
N LEU C 86 7.78 -24.51 44.40
CA LEU C 86 8.85 -23.97 43.55
C LEU C 86 10.22 -24.51 43.92
N ALA C 87 10.42 -24.96 45.15
CA ALA C 87 11.76 -25.29 45.62
C ALA C 87 12.42 -26.35 44.74
N GLY C 88 13.67 -26.10 44.38
CA GLY C 88 14.48 -27.05 43.63
C GLY C 88 14.27 -27.05 42.13
N ARG C 89 13.50 -26.11 41.59
CA ARG C 89 13.19 -26.10 40.18
C ARG C 89 13.94 -24.99 39.47
N THR C 90 14.01 -25.13 38.15
CA THR C 90 14.45 -24.05 37.27
C THR C 90 13.23 -23.52 36.53
N ILE C 91 12.91 -22.26 36.75
CA ILE C 91 11.83 -21.59 36.04
C ILE C 91 12.46 -20.85 34.87
N VAL C 92 12.05 -21.21 33.65
CA VAL C 92 12.49 -20.52 32.45
C VAL C 92 11.29 -19.72 31.97
N ASN C 93 11.30 -18.41 32.20
CA ASN C 93 10.15 -17.58 31.88
C ASN C 93 10.42 -16.97 30.50
N LEU C 94 9.63 -17.39 29.52
CA LEU C 94 9.74 -16.94 28.13
C LEU C 94 8.69 -15.88 27.82
N SER C 95 8.38 -15.01 28.77
CA SER C 95 7.35 -13.98 28.62
C SER C 95 7.95 -12.57 28.52
N SER C 96 7.23 -11.71 27.81
CA SER C 96 7.61 -10.30 27.72
C SER C 96 7.31 -9.57 29.02
N ASP C 97 8.21 -8.68 29.43
CA ASP C 97 7.92 -7.70 30.49
C ASP C 97 9.09 -6.71 30.53
N ASP C 98 9.03 -5.80 31.51
CA ASP C 98 10.10 -4.82 31.71
CA ASP C 98 10.19 -4.93 31.52
C ASP C 98 11.32 -5.49 32.38
N PRO C 99 12.55 -5.06 32.08
CA PRO C 99 13.72 -5.74 32.69
C PRO C 99 13.79 -5.62 34.21
N ASP C 100 13.29 -4.54 34.81
CA ASP C 100 13.32 -4.43 36.28
C ASP C 100 12.31 -5.38 36.91
N VAL C 101 11.15 -5.54 36.28
CA VAL C 101 10.20 -6.56 36.72
C VAL C 101 10.83 -7.94 36.64
N THR C 102 11.62 -8.18 35.61
CA THR C 102 12.28 -9.46 35.44
C THR C 102 13.27 -9.72 36.56
N ARG C 103 14.08 -8.71 36.90
CA ARG C 103 15.05 -8.87 37.98
C ARG C 103 14.36 -9.14 39.31
N GLU C 104 13.24 -8.46 39.56
CA GLU C 104 12.50 -8.69 40.80
C GLU C 104 11.92 -10.11 40.83
N ALA C 105 11.51 -10.64 39.69
CA ALA C 105 10.99 -11.99 39.66
C ALA C 105 12.08 -13.02 39.99
N ALA C 106 13.32 -12.77 39.55
CA ALA C 106 14.40 -13.67 39.89
C ALA C 106 14.64 -13.69 41.40
N LYS C 107 14.51 -12.53 42.06
CA LYS C 107 14.65 -12.50 43.51
C LYS C 107 13.53 -13.27 44.19
N TRP C 108 12.29 -13.10 43.69
CA TRP C 108 11.14 -13.81 44.24
C TRP C 108 11.30 -15.32 44.09
N ALA C 109 11.75 -15.78 42.92
CA ALA C 109 12.01 -17.19 42.72
C ALA C 109 13.02 -17.73 43.72
N ALA C 110 14.10 -16.97 43.94
CA ALA C 110 15.14 -17.41 44.88
C ALA C 110 14.60 -17.49 46.31
N LYS C 111 13.74 -16.54 46.69
CA LYS C 111 13.09 -16.59 48.00
C LYS C 111 12.35 -17.90 48.21
N HIS C 112 11.84 -18.51 47.13
CA HIS C 112 11.09 -19.75 47.24
C HIS C 112 11.88 -20.97 46.79
N GLY C 113 13.21 -20.84 46.66
CA GLY C 113 14.08 -21.96 46.42
C GLY C 113 14.25 -22.36 44.97
N ALA C 114 13.84 -21.53 44.03
CA ALA C 114 13.92 -21.84 42.61
C ALA C 114 15.01 -21.01 41.94
N THR C 115 15.56 -21.54 40.85
CA THR C 115 16.43 -20.79 39.95
C THR C 115 15.57 -20.15 38.87
N PHE C 116 15.96 -18.96 38.40
CA PHE C 116 15.17 -18.21 37.43
C PHE C 116 16.02 -17.87 36.22
N ILE C 117 15.53 -18.24 35.05
CA ILE C 117 16.14 -17.89 33.77
CA ILE C 117 16.14 -17.88 33.78
C ILE C 117 15.09 -17.14 32.96
N ALA C 118 15.46 -15.96 32.48
CA ALA C 118 14.58 -15.19 31.60
C ALA C 118 14.97 -15.46 30.16
N GLY C 119 13.97 -15.65 29.30
CA GLY C 119 14.22 -15.87 27.89
C GLY C 119 13.29 -15.02 27.05
N GLY C 120 13.73 -14.73 25.83
CA GLY C 120 12.92 -14.02 24.86
C GLY C 120 12.97 -14.73 23.51
N VAL C 121 11.84 -15.28 23.08
CA VAL C 121 11.79 -16.12 21.88
C VAL C 121 11.66 -15.22 20.66
N MET C 122 12.63 -15.30 19.76
CA MET C 122 12.70 -14.40 18.61
C MET C 122 12.17 -15.07 17.35
N THR C 123 10.97 -15.62 17.43
CA THR C 123 10.38 -16.25 16.26
C THR C 123 8.87 -16.31 16.48
N PRO C 124 8.07 -16.19 15.43
CA PRO C 124 6.63 -16.39 15.60
C PRO C 124 6.31 -17.87 15.80
N ALA C 125 5.09 -18.14 16.27
CA ALA C 125 4.73 -19.51 16.64
C ALA C 125 4.98 -20.53 15.52
N PRO C 126 4.64 -20.27 14.25
CA PRO C 126 4.81 -21.34 13.23
C PRO C 126 6.25 -21.74 12.99
N THR C 127 7.23 -20.95 13.37
CA THR C 127 8.61 -21.34 13.10
C THR C 127 9.36 -21.68 14.39
N VAL C 128 8.66 -21.82 15.51
CA VAL C 128 9.25 -22.41 16.70
C VAL C 128 9.84 -23.77 16.33
N GLY C 129 11.07 -24.03 16.79
CA GLY C 129 11.70 -25.31 16.55
C GLY C 129 12.45 -25.47 15.26
N THR C 130 12.63 -24.41 14.49
CA THR C 130 13.35 -24.42 13.23
C THR C 130 14.69 -23.73 13.37
N GLU C 131 15.54 -23.91 12.33
CA GLU C 131 16.84 -23.25 12.33
C GLU C 131 16.70 -21.73 12.36
N ALA C 132 15.62 -21.20 11.79
CA ALA C 132 15.41 -19.76 11.81
C ALA C 132 15.23 -19.23 13.22
N ALA C 133 14.67 -20.05 14.11
CA ALA C 133 14.31 -19.57 15.44
C ALA C 133 15.56 -19.39 16.29
N TYR C 134 15.51 -18.41 17.20
CA TYR C 134 16.53 -18.28 18.23
C TYR C 134 15.89 -17.66 19.46
N VAL C 135 16.54 -17.86 20.61
CA VAL C 135 16.00 -17.43 21.89
C VAL C 135 17.12 -16.82 22.71
N PHE C 136 16.91 -15.60 23.20
CA PHE C 136 17.85 -14.99 24.13
C PHE C 136 17.62 -15.54 25.52
N TYR C 137 18.70 -15.81 26.26
CA TYR C 137 18.59 -16.30 27.62
C TYR C 137 19.55 -15.53 28.52
N SER C 138 19.13 -15.29 29.76
CA SER C 138 20.06 -14.76 30.76
C SER C 138 19.64 -15.20 32.16
N GLY C 139 20.62 -15.24 33.05
CA GLY C 139 20.45 -15.84 34.36
C GLY C 139 21.63 -16.76 34.64
N PRO C 140 21.52 -17.60 35.67
CA PRO C 140 22.66 -18.47 36.05
C PRO C 140 23.09 -19.40 34.92
N LYS C 141 24.35 -19.27 34.48
CA LYS C 141 24.83 -20.04 33.35
C LYS C 141 24.84 -21.54 33.64
N SER C 142 25.10 -21.93 34.88
CA SER C 142 25.08 -23.34 35.24
C SER C 142 23.69 -23.93 35.09
N ALA C 143 22.65 -23.19 35.50
CA ALA C 143 21.29 -23.64 35.28
C ALA C 143 20.92 -23.68 33.80
N PHE C 144 21.36 -22.67 33.04
CA PHE C 144 21.14 -22.70 31.60
C PHE C 144 21.81 -23.92 30.97
N ASP C 145 23.07 -24.19 31.34
CA ASP C 145 23.78 -25.31 30.75
C ASP C 145 23.08 -26.63 31.03
N ALA C 146 22.47 -26.77 32.20
CA ALA C 146 21.83 -28.01 32.61
C ALA C 146 20.60 -28.32 31.76
N HIS C 147 19.91 -27.29 31.27
CA HIS C 147 18.66 -27.45 30.55
C HIS C 147 18.78 -27.09 29.07
N GLU C 148 19.94 -26.60 28.65
CA GLU C 148 20.16 -26.27 27.25
C GLU C 148 19.87 -27.41 26.29
N PRO C 149 20.17 -28.69 26.58
CA PRO C 149 19.84 -29.74 25.60
C PRO C 149 18.36 -29.87 25.32
N VAL C 150 17.51 -29.52 26.28
CA VAL C 150 16.07 -29.49 26.03
C VAL C 150 15.66 -28.18 25.38
N LEU C 151 16.14 -27.06 25.93
CA LEU C 151 15.71 -25.75 25.46
C LEU C 151 16.11 -25.50 24.02
N ARG C 152 17.23 -26.08 23.57
CA ARG C 152 17.70 -25.85 22.22
CA ARG C 152 17.68 -25.81 22.23
C ARG C 152 16.69 -26.29 21.17
N HIS C 153 15.80 -27.21 21.52
CA HIS C 153 14.82 -27.66 20.53
C HIS C 153 13.80 -26.58 20.19
N ILE C 154 13.69 -25.54 21.01
CA ILE C 154 12.78 -24.42 20.72
C ILE C 154 13.37 -23.50 19.65
N GLY C 155 14.68 -23.33 19.66
CA GLY C 155 15.40 -22.49 18.74
C GLY C 155 16.79 -22.22 19.28
N GLY C 156 17.69 -21.85 18.39
CA GLY C 156 19.06 -21.57 18.76
C GLY C 156 19.22 -20.70 19.99
N PRO C 157 19.76 -21.26 21.08
CA PRO C 157 19.90 -20.49 22.31
C PRO C 157 21.05 -19.53 22.21
N ARG C 158 20.82 -18.29 22.64
CA ARG C 158 21.84 -17.26 22.75
C ARG C 158 21.90 -16.84 24.21
N PHE C 159 22.85 -17.39 24.96
CA PHE C 159 23.01 -17.01 26.35
C PHE C 159 23.79 -15.69 26.41
N LEU C 160 23.21 -14.68 27.05
CA LEU C 160 23.77 -13.33 27.01
C LEU C 160 24.60 -12.98 28.23
N GLY C 161 24.26 -13.51 29.39
CA GLY C 161 24.99 -13.19 30.60
C GLY C 161 24.15 -13.51 31.83
N GLU C 162 24.71 -13.15 32.99
CA GLU C 162 24.12 -13.54 34.28
C GLU C 162 22.96 -12.66 34.71
N ASP C 163 22.89 -11.41 34.24
CA ASP C 163 21.83 -10.50 34.62
C ASP C 163 20.52 -10.98 33.98
N THR C 164 19.55 -11.42 34.78
CA THR C 164 18.32 -11.93 34.19
C THR C 164 17.59 -10.87 33.38
N GLY C 165 17.81 -9.60 33.66
CA GLY C 165 17.17 -8.58 32.86
C GLY C 165 17.75 -8.42 31.46
N LEU C 166 18.89 -9.04 31.19
CA LEU C 166 19.57 -8.75 29.94
C LEU C 166 18.84 -9.37 28.74
N ALA C 167 18.40 -10.63 28.86
CA ALA C 167 17.63 -11.23 27.76
C ALA C 167 16.32 -10.49 27.54
N GLN C 168 15.71 -10.01 28.63
CA GLN C 168 14.48 -9.24 28.50
C GLN C 168 14.74 -7.93 27.77
N LEU C 169 15.84 -7.26 28.13
CA LEU C 169 16.21 -6.03 27.44
C LEU C 169 16.46 -6.29 25.95
N TYR C 170 17.20 -7.35 25.63
CA TYR C 170 17.43 -7.67 24.22
C TYR C 170 16.12 -7.98 23.52
N TYR C 171 15.22 -8.73 24.16
CA TYR C 171 13.91 -8.99 23.56
C TYR C 171 13.18 -7.69 23.26
N LEU C 172 13.07 -6.80 24.26
CA LEU C 172 12.33 -5.55 24.06
C LEU C 172 12.96 -4.70 22.98
N ALA C 173 14.29 -4.67 22.91
CA ALA C 173 14.94 -3.84 21.89
C ALA C 173 14.72 -4.40 20.50
N HIS C 174 14.78 -5.73 20.35
CA HIS C 174 14.45 -6.32 19.06
C HIS C 174 12.99 -6.05 18.69
N LEU C 175 12.10 -6.14 19.67
CA LEU C 175 10.68 -5.92 19.39
C LEU C 175 10.38 -4.44 19.15
N ASP C 176 11.21 -3.56 19.71
CA ASP C 176 11.15 -2.13 19.39
C ASP C 176 11.29 -1.93 17.88
N VAL C 177 12.30 -2.56 17.28
CA VAL C 177 12.45 -2.55 15.83
C VAL C 177 11.24 -3.20 15.15
N PHE C 178 10.93 -4.43 15.56
CA PHE C 178 9.89 -5.22 14.89
C PHE C 178 8.53 -4.53 14.94
N LEU C 179 8.08 -4.12 16.14
CA LEU C 179 6.74 -3.53 16.27
C LEU C 179 6.65 -2.18 15.58
N THR C 180 7.70 -1.36 15.67
CA THR C 180 7.67 -0.05 15.01
C THR C 180 7.68 -0.20 13.51
N THR C 181 8.50 -1.13 13.00
CA THR C 181 8.55 -1.39 11.56
C THR C 181 7.20 -1.92 11.08
N LEU C 182 6.57 -2.84 11.82
CA LEU C 182 5.24 -3.31 11.39
C LEU C 182 4.21 -2.18 11.44
N ALA C 183 4.29 -1.30 12.43
CA ALA C 183 3.39 -0.17 12.45
C ALA C 183 3.58 0.67 11.20
N SER C 184 4.83 0.84 10.76
CA SER C 184 5.10 1.71 9.61
C SER C 184 4.53 1.11 8.32
N VAL C 185 4.58 -0.21 8.16
CA VAL C 185 4.03 -0.77 6.93
C VAL C 185 2.51 -0.69 6.94
N VAL C 186 1.87 -0.85 8.10
CA VAL C 186 0.42 -0.66 8.16
C VAL C 186 0.06 0.79 7.89
N HIS C 187 0.83 1.72 8.48
CA HIS C 187 0.56 3.14 8.30
C HIS C 187 0.76 3.56 6.84
N ALA C 188 1.83 3.09 6.20
CA ALA C 188 2.07 3.47 4.80
C ALA C 188 0.98 2.94 3.89
N THR C 189 0.52 1.71 4.13
CA THR C 189 -0.60 1.17 3.35
C THR C 189 -1.85 2.02 3.54
N ALA C 190 -2.13 2.43 4.79
CA ALA C 190 -3.29 3.30 5.02
C ALA C 190 -3.15 4.62 4.29
N LEU C 191 -1.93 5.14 4.18
CA LEU C 191 -1.74 6.44 3.53
C LEU C 191 -2.16 6.38 2.07
N VAL C 192 -1.77 5.31 1.35
CA VAL C 192 -2.14 5.15 -0.05
CA VAL C 192 -2.15 5.21 -0.04
C VAL C 192 -3.59 4.73 -0.19
N SER C 193 -4.05 3.82 0.68
CA SER C 193 -5.43 3.36 0.54
C SER C 193 -6.44 4.46 0.86
N ALA C 194 -6.04 5.51 1.58
CA ALA C 194 -6.96 6.62 1.80
C ALA C 194 -7.33 7.29 0.48
N ALA C 195 -6.49 7.16 -0.53
CA ALA C 195 -6.81 7.72 -1.85
C ALA C 195 -7.51 6.70 -2.74
N GLY C 196 -7.85 5.52 -2.21
CA GLY C 196 -8.59 4.50 -2.94
C GLY C 196 -7.78 3.31 -3.40
N VAL C 197 -6.45 3.35 -3.25
CA VAL C 197 -5.59 2.26 -3.73
C VAL C 197 -5.90 1.01 -2.95
N ASP C 198 -5.94 -0.14 -3.65
CA ASP C 198 -6.18 -1.43 -2.99
C ASP C 198 -5.09 -1.72 -1.96
N GLU C 199 -5.49 -2.17 -0.77
CA GLU C 199 -4.48 -2.59 0.20
C GLU C 199 -3.62 -3.72 -0.35
N ALA C 200 -4.23 -4.65 -1.08
CA ALA C 200 -3.46 -5.73 -1.69
C ALA C 200 -2.43 -5.24 -2.70
N ALA C 201 -2.63 -4.04 -3.26
CA ALA C 201 -1.67 -3.49 -4.22
C ALA C 201 -0.44 -2.90 -3.53
N PHE C 202 -0.61 -2.23 -2.40
CA PHE C 202 0.52 -1.54 -1.79
C PHE C 202 1.22 -2.33 -0.69
N ALA C 203 0.50 -3.16 0.05
CA ALA C 203 1.15 -3.91 1.12
C ALA C 203 2.41 -4.64 0.67
N PRO C 204 2.46 -5.31 -0.50
CA PRO C 204 3.73 -5.89 -0.95
C PRO C 204 4.83 -4.87 -1.13
N GLU C 205 4.49 -3.66 -1.55
CA GLU C 205 5.51 -2.65 -1.76
C GLU C 205 6.01 -2.09 -0.45
N ALA C 206 5.12 -1.97 0.54
CA ALA C 206 5.57 -1.57 1.87
C ALA C 206 6.54 -2.58 2.44
N ILE C 207 6.25 -3.87 2.25
CA ILE C 207 7.15 -4.93 2.69
C ILE C 207 8.48 -4.84 1.97
N ARG C 208 8.45 -4.61 0.65
CA ARG C 208 9.71 -4.47 -0.08
CA ARG C 208 9.69 -4.45 -0.10
C ARG C 208 10.54 -3.30 0.44
N MET C 209 9.89 -2.23 0.91
CA MET C 209 10.63 -1.10 1.48
CA MET C 209 10.66 -1.12 1.45
C MET C 209 11.37 -1.49 2.76
N VAL C 210 10.79 -2.38 3.56
CA VAL C 210 11.51 -2.86 4.74
C VAL C 210 12.74 -3.64 4.30
N ILE C 211 12.55 -4.54 3.33
CA ILE C 211 13.66 -5.33 2.83
C ILE C 211 14.77 -4.44 2.29
N GLU C 212 14.40 -3.40 1.53
CA GLU C 212 15.42 -2.52 0.98
C GLU C 212 16.10 -1.69 2.04
N THR C 213 15.36 -1.29 3.08
CA THR C 213 15.98 -0.60 4.20
C THR C 213 17.02 -1.47 4.88
N GLY C 214 16.68 -2.73 5.15
CA GLY C 214 17.66 -3.65 5.70
C GLY C 214 18.86 -3.84 4.79
N GLN C 215 18.62 -3.93 3.49
CA GLN C 215 19.73 -4.06 2.54
C GLN C 215 20.64 -2.84 2.57
N MET C 216 20.05 -1.64 2.67
CA MET C 216 20.86 -0.43 2.74
CA MET C 216 20.87 -0.43 2.74
C MET C 216 21.72 -0.43 4.00
N LEU C 217 21.14 -0.80 5.13
CA LEU C 217 21.87 -0.81 6.40
C LEU C 217 22.97 -1.86 6.39
N ALA C 218 22.72 -3.00 5.75
CA ALA C 218 23.73 -4.07 5.70
C ALA C 218 24.81 -3.78 4.67
N ALA C 219 24.48 -3.03 3.62
CA ALA C 219 25.49 -2.60 2.66
C ALA C 219 26.51 -1.68 3.31
N GLU C 220 26.04 -0.75 4.16
CA GLU C 220 26.95 0.14 4.88
C GLU C 220 27.88 -0.66 5.79
N ALA C 221 27.30 -1.57 6.59
CA ALA C 221 28.11 -2.42 7.44
C ALA C 221 29.08 -3.28 6.63
N GLU C 222 28.64 -3.73 5.45
CA GLU C 222 29.52 -4.49 4.56
C GLU C 222 30.50 -3.59 3.80
N THR C 223 30.12 -2.35 3.51
CA THR C 223 31.02 -1.45 2.79
C THR C 223 32.17 -0.95 3.67
N GLY C 224 32.14 -1.23 4.97
CA GLY C 224 33.19 -0.77 5.86
C GLY C 224 32.65 0.15 6.95
N LEU C 225 31.65 0.95 6.60
CA LEU C 225 31.00 1.82 7.59
C LEU C 225 30.40 0.98 8.71
N GLU C 226 30.34 1.57 9.90
CA GLU C 226 29.67 0.95 11.04
C GLU C 226 28.79 2.00 11.70
N LEU C 227 27.47 1.83 11.54
CA LEU C 227 26.52 2.70 12.22
C LEU C 227 26.80 2.75 13.72
N GLY C 228 27.15 1.61 14.32
CA GLY C 228 27.53 1.60 15.72
C GLY C 228 28.64 2.57 16.04
N ARG C 229 29.56 2.79 15.08
CA ARG C 229 30.65 3.74 15.27
C ARG C 229 30.14 5.17 15.35
N ASN C 230 29.29 5.57 14.40
CA ASN C 230 28.57 6.84 14.49
C ASN C 230 27.96 7.02 15.88
N LEU C 231 27.16 6.05 16.30
CA LEU C 231 26.34 6.24 17.50
C LEU C 231 27.21 6.26 18.75
N ALA C 232 28.22 5.39 18.82
CA ALA C 232 29.07 5.34 20.00
C ALA C 232 29.84 6.64 20.18
N SER C 233 30.37 7.19 19.09
CA SER C 233 31.27 8.34 19.15
C SER C 233 30.55 9.69 19.08
N GLY C 234 29.26 9.71 18.78
CA GLY C 234 28.57 10.98 18.67
C GLY C 234 28.93 11.79 17.45
N ASN C 235 29.53 11.18 16.44
CA ASN C 235 29.91 11.86 15.22
CA ASN C 235 29.93 11.84 15.22
C ASN C 235 29.02 11.37 14.09
N HIS C 236 28.29 12.31 13.47
CA HIS C 236 27.24 12.02 12.50
C HIS C 236 27.47 12.78 11.20
N PRO C 237 28.53 12.44 10.46
CA PRO C 237 28.87 13.22 9.26
C PRO C 237 27.77 13.12 8.21
N GLY C 238 27.31 14.28 7.74
CA GLY C 238 26.21 14.34 6.81
C GLY C 238 26.60 14.06 5.38
N GLU C 239 26.14 12.94 4.85
CA GLU C 239 26.39 12.60 3.45
C GLU C 239 25.28 13.15 2.56
N LEU C 240 24.61 12.27 1.84
CA LEU C 240 23.48 12.63 1.01
C LEU C 240 22.15 12.33 1.69
N ALA C 241 22.17 12.00 2.98
CA ALA C 241 20.97 11.73 3.78
C ALA C 241 21.13 12.49 5.09
N THR C 242 20.85 13.79 5.05
CA THR C 242 21.02 14.66 6.20
C THR C 242 19.72 14.79 6.99
N ALA C 243 19.84 15.27 8.22
CA ALA C 243 18.67 15.41 9.08
C ALA C 243 17.68 16.43 8.52
N VAL C 244 18.20 17.50 7.90
CA VAL C 244 17.27 18.54 7.46
C VAL C 244 16.50 18.09 6.23
N MET C 245 17.14 17.28 5.36
N MET C 245 17.15 17.30 5.35
CA MET C 245 16.44 16.83 4.16
CA MET C 245 16.44 16.83 4.17
C MET C 245 15.46 15.70 4.48
C MET C 245 15.43 15.75 4.53
N MET C 246 15.81 14.82 5.41
CA MET C 246 14.89 13.76 5.79
C MET C 246 13.78 14.27 6.69
N GLY C 247 14.06 15.30 7.49
CA GLY C 247 13.01 15.94 8.25
C GLY C 247 11.99 16.64 7.36
N ALA C 248 12.44 17.17 6.22
CA ALA C 248 11.50 17.75 5.27
C ALA C 248 10.55 16.68 4.75
N THR C 249 11.06 15.49 4.47
CA THR C 249 10.19 14.39 4.06
C THR C 249 9.24 14.00 5.18
N ALA C 250 9.74 13.90 6.41
CA ALA C 250 8.88 13.60 7.54
C ALA C 250 7.75 14.61 7.67
N ASP C 251 8.05 15.90 7.48
CA ASP C 251 6.99 16.91 7.52
C ASP C 251 5.94 16.66 6.46
N HIS C 252 6.36 16.27 5.26
CA HIS C 252 5.40 16.04 4.17
C HIS C 252 4.55 14.80 4.43
N ILE C 253 5.13 13.76 5.04
CA ILE C 253 4.33 12.60 5.41
C ILE C 253 3.24 12.99 6.38
N VAL C 254 3.56 13.79 7.40
CA VAL C 254 2.55 14.23 8.36
C VAL C 254 1.47 15.05 7.64
N SER C 255 1.88 15.96 6.74
CA SER C 255 0.91 16.79 6.05
CA SER C 255 0.90 16.79 6.06
C SER C 255 -0.02 15.94 5.18
N ALA C 256 0.52 14.95 4.49
CA ALA C 256 -0.31 14.09 3.65
C ALA C 256 -1.30 13.28 4.48
N ALA C 257 -0.84 12.70 5.60
CA ALA C 257 -1.74 11.97 6.48
C ALA C 257 -2.81 12.89 7.06
N LYS C 258 -2.43 14.11 7.45
CA LYS C 258 -3.41 15.05 7.98
C LYS C 258 -4.49 15.36 6.96
N GLY C 259 -4.09 15.60 5.70
CA GLY C 259 -5.05 15.96 4.68
C GLY C 259 -6.03 14.85 4.35
N SER C 260 -5.60 13.59 4.44
CA SER C 260 -6.46 12.47 4.09
C SER C 260 -7.12 11.78 5.28
N GLY C 261 -6.85 12.23 6.50
CA GLY C 261 -7.54 11.66 7.65
C GLY C 261 -6.95 10.37 8.17
N VAL C 262 -5.69 10.12 7.90
CA VAL C 262 -4.98 8.93 8.37
C VAL C 262 -4.31 9.26 9.71
N ASP C 263 -4.28 8.29 10.62
CA ASP C 263 -3.85 8.59 11.99
C ASP C 263 -2.45 9.17 12.01
N LEU C 264 -2.22 10.15 12.90
CA LEU C 264 -1.01 10.96 12.86
C LEU C 264 0.05 10.57 13.89
N VAL C 265 -0.24 9.72 14.89
CA VAL C 265 0.69 9.62 16.01
CA VAL C 265 0.68 9.61 16.02
C VAL C 265 2.03 9.08 15.57
N LEU C 266 2.05 8.09 14.66
CA LEU C 266 3.34 7.52 14.25
C LEU C 266 4.18 8.50 13.43
N PRO C 267 3.69 9.09 12.33
CA PRO C 267 4.55 10.04 11.60
C PRO C 267 4.87 11.28 12.41
N GLU C 268 3.99 11.68 13.33
CA GLU C 268 4.34 12.83 14.16
C GLU C 268 5.47 12.51 15.13
N ALA C 269 5.59 11.26 15.58
CA ALA C 269 6.75 10.90 16.38
C ALA C 269 8.04 11.01 15.57
N VAL C 270 8.02 10.54 14.31
CA VAL C 270 9.19 10.65 13.46
C VAL C 270 9.53 12.12 13.21
N LYS C 271 8.49 12.93 12.93
CA LYS C 271 8.71 14.36 12.72
C LYS C 271 9.27 15.01 13.98
N SER C 272 8.80 14.60 15.16
CA SER C 272 9.32 15.17 16.40
C SER C 272 10.81 14.88 16.56
N LEU C 273 11.26 13.67 16.20
CA LEU C 273 12.67 13.36 16.29
C LEU C 273 13.48 14.25 15.35
N TYR C 274 13.03 14.39 14.10
CA TYR C 274 13.78 15.23 13.17
C TYR C 274 13.72 16.71 13.56
N ASP C 275 12.56 17.19 14.01
CA ASP C 275 12.44 18.59 14.43
C ASP C 275 13.44 18.94 15.52
N ARG C 276 13.54 18.10 16.55
CA ARG C 276 14.45 18.39 17.65
C ARG C 276 15.90 18.18 17.26
N THR C 277 16.19 17.26 16.34
CA THR C 277 17.54 17.11 15.83
C THR C 277 17.99 18.36 15.08
N VAL C 278 17.12 18.89 14.21
CA VAL C 278 17.43 20.12 13.49
C VAL C 278 17.54 21.30 14.46
N ALA C 279 16.59 21.40 15.40
CA ALA C 279 16.62 22.51 16.35
C ALA C 279 17.87 22.49 17.22
N ALA C 280 18.45 21.30 17.44
CA ALA C 280 19.68 21.17 18.21
C ALA C 280 20.92 21.51 17.40
N GLY C 281 20.77 21.91 16.14
CA GLY C 281 21.88 22.31 15.32
C GLY C 281 22.46 21.25 14.41
N HIS C 282 21.80 20.09 14.29
CA HIS C 282 22.35 18.97 13.54
C HIS C 282 21.71 18.80 12.17
N GLY C 283 21.06 19.85 11.64
CA GLY C 283 20.39 19.70 10.36
C GLY C 283 21.29 19.24 9.24
N LYS C 284 22.54 19.70 9.22
CA LYS C 284 23.46 19.30 8.17
C LYS C 284 24.18 17.99 8.48
N ASP C 285 23.98 17.43 9.67
CA ASP C 285 24.54 16.13 10.02
C ASP C 285 23.65 15.02 9.47
N SER C 286 24.17 13.80 9.54
CA SER C 286 23.39 12.63 9.14
C SER C 286 22.13 12.51 9.99
N TRP C 287 21.15 11.80 9.43
CA TRP C 287 19.91 11.52 10.16
C TRP C 287 20.20 10.78 11.47
N THR C 288 21.30 10.04 11.54
CA THR C 288 21.66 9.32 12.75
C THR C 288 21.87 10.25 13.94
N ALA C 289 22.04 11.56 13.70
CA ALA C 289 22.18 12.50 14.79
C ALA C 289 20.93 12.56 15.68
N MET C 290 19.80 12.00 15.22
CA MET C 290 18.67 11.88 16.12
C MET C 290 19.01 11.01 17.33
N TYR C 291 20.06 10.20 17.23
CA TYR C 291 20.52 9.45 18.41
C TYR C 291 20.83 10.37 19.58
N GLU C 292 21.32 11.57 19.31
CA GLU C 292 21.67 12.47 20.40
C GLU C 292 20.43 13.00 21.11
N ILE C 293 19.29 13.05 20.41
CA ILE C 293 18.02 13.37 21.04
C ILE C 293 17.47 12.19 21.80
N ILE C 294 17.62 10.98 21.25
CA ILE C 294 16.96 9.81 21.80
C ILE C 294 17.69 9.29 23.03
N LYS C 295 19.01 9.31 23.01
CA LYS C 295 19.80 8.54 23.98
C LYS C 295 19.66 9.12 25.39
N LYS C 296 19.99 8.27 26.36
CA LYS C 296 20.04 8.69 27.75
C LYS C 296 21.08 9.81 27.91
N LYS C 297 20.72 10.83 28.70
CA LYS C 297 21.63 11.93 28.94
C LYS C 297 22.88 11.44 29.68
N ALA C 298 24.04 11.95 29.27
CA ALA C 298 25.31 11.54 29.84
C ALA C 298 25.36 11.73 31.37
#